data_9CUO
#
_entry.id   9CUO
#
_cell.length_a   141.470
_cell.length_b   141.500
_cell.length_c   141.590
_cell.angle_alpha   90.00
_cell.angle_beta   90.00
_cell.angle_gamma   90.00
#
_symmetry.space_group_name_H-M   'F 2 2 2'
#
loop_
_entity.id
_entity.type
_entity.pdbx_description
1 polymer 'Protein cereblon'
2 non-polymer 'ZINC ION'
3 non-polymer (3S)-3-(3-methyl-2-oxo-2,3-dihydro-1H-1,3-benzimidazol-1-yl)piperidine-2,6-dione
4 non-polymer 'SULFATE ION'
5 non-polymer 1,2-ETHANEDIOL
6 water water
#
_entity_poly.entity_id   1
_entity_poly.type   'polypeptide(L)'
_entity_poly.pdbx_seq_one_letter_code
;SGSPTSLCCKQCQETEITTKNEIFSLSLCGPMAAYVNPHGYVHETLTVYKACNLNLIGRPSTEHSWFPGYAWTVAQCKIC
ASHIGWKFTATKKDMSPQKFWGLTRSALLPTIP
;
_entity_poly.pdbx_strand_id   A,B,C,D,E,F
#
loop_
_chem_comp.id
_chem_comp.type
_chem_comp.name
_chem_comp.formula
A1A0J non-polymer (3S)-3-(3-methyl-2-oxo-2,3-dihydro-1H-1,3-benzimidazol-1-yl)piperidine-2,6-dione 'C13 H13 N3 O3'
EDO non-polymer 1,2-ETHANEDIOL 'C2 H6 O2'
SO4 non-polymer 'SULFATE ION' 'O4 S -2'
ZN non-polymer 'ZINC ION' 'Zn 2'
#
# COMPACT_ATOMS: atom_id res chain seq x y z
N SER A 3 35.96 17.27 -2.03
CA SER A 3 34.64 17.68 -1.44
C SER A 3 34.70 17.62 0.09
N PRO A 4 34.46 18.74 0.80
CA PRO A 4 34.47 18.74 2.26
C PRO A 4 33.21 18.08 2.86
N THR A 5 33.17 16.74 2.80
CA THR A 5 32.15 15.82 3.36
C THR A 5 32.19 15.77 4.90
N SER A 6 33.40 15.73 5.44
CA SER A 6 33.66 15.57 6.90
C SER A 6 33.38 16.90 7.62
N LEU A 7 32.64 16.86 8.72
CA LEU A 7 32.44 18.04 9.61
C LEU A 7 33.18 17.78 10.92
N CYS A 8 34.28 18.49 11.13
CA CYS A 8 35.20 18.26 12.26
C CYS A 8 35.04 19.32 13.34
N CYS A 9 35.42 18.97 14.58
CA CYS A 9 35.46 19.93 15.70
C CYS A 9 36.40 21.07 15.32
N LYS A 10 35.90 22.30 15.33
CA LYS A 10 36.67 23.48 14.88
C LYS A 10 37.84 23.70 15.84
N GLN A 11 37.68 23.35 17.12
CA GLN A 11 38.71 23.62 18.16
C GLN A 11 39.92 22.70 17.97
N CYS A 12 39.75 21.37 18.00
CA CYS A 12 40.88 20.43 17.86
C CYS A 12 41.13 20.03 16.40
N GLN A 13 40.22 20.40 15.48
CA GLN A 13 40.42 20.40 14.00
C GLN A 13 40.44 18.99 13.40
N GLU A 14 41.03 17.99 14.06
CA GLU A 14 41.30 16.66 13.45
C GLU A 14 40.17 15.69 13.72
N THR A 15 39.30 15.98 14.70
CA THR A 15 38.26 15.06 15.20
C THR A 15 36.98 15.22 14.39
N GLU A 16 36.59 14.18 13.66
CA GLU A 16 35.31 14.21 12.90
C GLU A 16 34.16 14.10 13.89
N ILE A 17 33.12 14.93 13.73
CA ILE A 17 31.90 14.82 14.57
C ILE A 17 30.74 14.27 13.74
N THR A 18 30.59 14.70 12.50
CA THR A 18 29.54 14.17 11.59
C THR A 18 29.98 14.34 10.13
N THR A 19 29.11 13.97 9.19
CA THR A 19 29.33 14.22 7.76
C THR A 19 28.08 14.88 7.17
N LYS A 20 28.27 15.51 6.02
CA LYS A 20 27.18 16.16 5.27
C LYS A 20 26.15 15.10 4.90
N ASN A 21 26.54 13.82 4.78
CA ASN A 21 25.61 12.71 4.43
C ASN A 21 24.53 12.52 5.48
N GLU A 22 24.74 13.00 6.71
CA GLU A 22 23.83 12.71 7.84
C GLU A 22 22.86 13.89 8.07
N ILE A 23 22.96 14.98 7.30
CA ILE A 23 22.10 16.18 7.49
C ILE A 23 20.67 15.87 7.08
N PHE A 24 19.73 16.31 7.88
CA PHE A 24 18.29 16.26 7.53
C PHE A 24 17.61 17.54 8.02
N SER A 25 16.38 17.76 7.58
CA SER A 25 15.56 18.97 7.83
C SER A 25 14.30 18.62 8.61
N LEU A 26 14.27 18.96 9.89
CA LEU A 26 13.12 18.65 10.79
C LEU A 26 12.02 19.71 10.54
N SER A 27 12.36 20.99 10.34
CA SER A 27 11.35 22.05 10.10
C SER A 27 11.82 22.88 8.93
N VAL A 42 17.74 28.27 13.70
CA VAL A 42 17.52 27.35 12.55
C VAL A 42 18.80 27.36 11.68
N HIS A 43 19.17 28.56 11.23
CA HIS A 43 20.47 28.89 10.60
C HIS A 43 21.61 28.29 11.46
N GLU A 44 21.53 28.51 12.78
CA GLU A 44 22.63 28.28 13.73
C GLU A 44 22.86 26.78 13.92
N THR A 45 21.80 25.95 13.90
CA THR A 45 21.86 24.56 14.42
C THR A 45 21.67 23.57 13.26
N LEU A 46 22.68 22.76 13.01
CA LEU A 46 22.64 21.66 12.03
C LEU A 46 22.00 20.44 12.70
N THR A 47 21.06 19.78 12.01
CA THR A 47 20.49 18.51 12.57
C THR A 47 20.98 17.35 11.72
N VAL A 48 21.60 16.38 12.37
CA VAL A 48 22.13 15.13 11.75
C VAL A 48 21.61 13.89 12.45
N TYR A 49 21.42 12.82 11.68
CA TYR A 49 20.94 11.56 12.27
C TYR A 49 22.00 10.86 13.11
N LYS A 50 23.26 11.01 12.72
N LYS A 50 23.26 11.01 12.72
CA LYS A 50 24.39 10.28 13.33
CA LYS A 50 24.39 10.28 13.33
C LYS A 50 25.57 11.23 13.54
C LYS A 50 25.57 11.23 13.53
N ALA A 51 26.34 10.96 14.57
CA ALA A 51 27.58 11.68 14.91
C ALA A 51 28.50 10.71 15.65
N CYS A 52 29.75 11.13 15.81
CA CYS A 52 30.78 10.34 16.50
C CYS A 52 31.68 11.28 17.29
N ASN A 53 32.49 10.69 18.15
CA ASN A 53 33.57 11.39 18.89
C ASN A 53 32.95 12.42 19.84
N LEU A 54 31.75 12.19 20.37
CA LEU A 54 31.09 13.06 21.35
C LEU A 54 30.88 12.31 22.67
N ASN A 55 31.07 13.01 23.79
CA ASN A 55 30.72 12.55 25.16
C ASN A 55 29.47 13.28 25.59
N LEU A 56 28.52 12.54 26.17
CA LEU A 56 27.30 13.14 26.75
C LEU A 56 27.57 13.54 28.19
N ILE A 57 27.18 14.76 28.53
CA ILE A 57 27.34 15.35 29.89
C ILE A 57 25.94 15.44 30.51
N GLY A 58 25.76 14.79 31.67
CA GLY A 58 24.53 14.90 32.47
C GLY A 58 23.39 14.11 31.85
N ARG A 59 22.16 14.46 32.23
CA ARG A 59 20.92 13.75 31.87
C ARG A 59 20.10 14.62 30.94
N PRO A 60 19.18 14.04 30.14
CA PRO A 60 18.32 14.82 29.27
C PRO A 60 17.43 15.81 30.02
N SER A 61 17.09 16.91 29.36
CA SER A 61 16.17 17.97 29.85
C SER A 61 15.30 18.46 28.70
N THR A 62 14.03 18.77 28.98
CA THR A 62 13.12 19.40 27.98
C THR A 62 13.13 20.93 28.14
N GLU A 63 13.82 21.48 29.15
CA GLU A 63 13.81 22.93 29.46
C GLU A 63 14.23 23.72 28.20
N HIS A 64 13.34 24.56 27.69
CA HIS A 64 13.56 25.45 26.52
C HIS A 64 14.02 24.66 25.29
N SER A 65 13.60 23.40 25.13
CA SER A 65 13.97 22.57 23.95
C SER A 65 13.54 23.30 22.67
N TRP A 66 14.43 23.39 21.70
CA TRP A 66 14.15 24.05 20.39
C TRP A 66 13.28 23.14 19.52
N PHE A 67 13.18 21.87 19.86
CA PHE A 67 12.51 20.83 19.06
C PHE A 67 11.46 20.18 19.94
N PRO A 68 10.23 20.75 19.95
CA PRO A 68 9.20 20.28 20.87
C PRO A 68 8.99 18.77 20.71
N GLY A 69 8.92 18.06 21.84
CA GLY A 69 8.81 16.61 21.92
C GLY A 69 10.16 15.95 22.10
N TYR A 70 11.25 16.71 22.00
CA TYR A 70 12.61 16.18 22.28
C TYR A 70 13.20 16.84 23.53
N ALA A 71 13.99 16.05 24.26
CA ALA A 71 14.89 16.48 25.35
C ALA A 71 16.30 16.62 24.79
N TRP A 72 17.11 17.48 25.41
CA TRP A 72 18.50 17.70 24.98
C TRP A 72 19.46 17.19 26.06
N THR A 73 20.63 16.74 25.63
CA THR A 73 21.77 16.34 26.49
C THR A 73 23.02 16.99 25.91
N VAL A 74 23.79 17.71 26.71
CA VAL A 74 25.00 18.42 26.22
C VAL A 74 25.95 17.38 25.59
N ALA A 75 26.50 17.72 24.42
CA ALA A 75 27.45 16.86 23.69
C ALA A 75 28.75 17.62 23.46
N GLN A 76 29.84 17.09 24.00
CA GLN A 76 31.16 17.76 23.87
C GLN A 76 32.11 16.84 23.11
N CYS A 77 33.02 17.45 22.38
CA CYS A 77 34.09 16.72 21.70
C CYS A 77 34.85 15.86 22.71
N LYS A 78 35.04 14.57 22.40
CA LYS A 78 35.67 13.60 23.32
C LYS A 78 37.18 13.92 23.42
N ILE A 79 37.75 14.65 22.47
CA ILE A 79 39.21 14.98 22.43
C ILE A 79 39.48 16.28 23.20
N CYS A 80 38.76 17.37 22.93
CA CYS A 80 39.12 18.71 23.51
C CYS A 80 38.01 19.29 24.40
N ALA A 81 36.89 18.59 24.54
CA ALA A 81 35.74 18.97 25.41
C ALA A 81 35.00 20.20 24.87
N SER A 82 35.29 20.70 23.67
CA SER A 82 34.50 21.77 23.02
C SER A 82 33.01 21.37 22.98
N HIS A 83 32.15 22.27 23.43
N HIS A 83 32.15 22.27 23.43
CA HIS A 83 30.68 22.07 23.38
CA HIS A 83 30.67 22.06 23.39
C HIS A 83 30.23 22.20 21.93
C HIS A 83 30.23 22.20 21.93
N ILE A 84 29.91 21.09 21.27
CA ILE A 84 29.58 21.13 19.82
C ILE A 84 28.05 21.26 19.67
N GLY A 85 27.30 20.63 20.57
CA GLY A 85 25.85 20.77 20.53
C GLY A 85 25.19 19.86 21.53
N TRP A 86 24.19 19.15 21.06
CA TRP A 86 23.28 18.37 21.93
C TRP A 86 22.86 17.10 21.21
N LYS A 87 22.66 16.06 22.01
CA LYS A 87 21.85 14.90 21.59
C LYS A 87 20.40 15.23 21.91
N PHE A 88 19.52 15.08 20.93
CA PHE A 88 18.05 15.21 21.10
C PHE A 88 17.45 13.81 21.15
N THR A 89 16.66 13.55 22.18
CA THR A 89 16.00 12.26 22.45
C THR A 89 14.47 12.48 22.53
N ALA A 90 13.71 11.67 21.79
CA ALA A 90 12.24 11.77 21.71
C ALA A 90 11.63 11.47 23.07
N THR A 91 10.58 12.20 23.46
CA THR A 91 9.84 11.98 24.73
C THR A 91 8.64 11.05 24.51
N LYS A 92 8.32 10.71 23.26
CA LYS A 92 7.18 9.82 22.88
C LYS A 92 7.63 8.82 21.82
N LYS A 93 7.15 7.58 21.90
CA LYS A 93 7.59 6.45 21.05
C LYS A 93 7.14 6.62 19.61
N ASP A 94 6.10 7.40 19.33
CA ASP A 94 5.50 7.47 17.97
C ASP A 94 6.26 8.47 17.07
N MET A 95 7.28 9.16 17.61
N MET A 95 7.28 9.15 17.62
CA MET A 95 8.01 10.23 16.90
CA MET A 95 8.00 10.23 16.90
C MET A 95 9.18 9.64 16.11
C MET A 95 9.18 9.64 16.11
N SER A 96 9.58 10.34 15.06
CA SER A 96 10.70 9.93 14.18
C SER A 96 11.50 11.15 13.80
N PRO A 97 12.85 11.13 13.94
CA PRO A 97 13.58 10.02 14.54
C PRO A 97 13.45 10.01 16.07
N GLN A 98 13.81 8.90 16.71
CA GLN A 98 13.78 8.79 18.18
C GLN A 98 14.95 9.57 18.77
N LYS A 99 16.02 9.78 17.99
CA LYS A 99 17.14 10.63 18.44
CA LYS A 99 17.13 10.64 18.44
C LYS A 99 17.81 11.26 17.22
N PHE A 100 18.48 12.37 17.45
CA PHE A 100 19.31 13.01 16.45
C PHE A 100 20.28 13.93 17.21
N TRP A 101 21.15 14.58 16.47
CA TRP A 101 22.12 15.56 17.03
C TRP A 101 21.82 16.95 16.47
N GLY A 102 21.79 17.93 17.38
CA GLY A 102 21.70 19.32 16.97
C GLY A 102 23.02 19.96 17.29
N LEU A 103 23.74 20.37 16.25
CA LEU A 103 25.15 20.80 16.37
C LEU A 103 25.25 22.26 15.95
N THR A 104 25.97 23.03 16.77
CA THR A 104 26.20 24.45 16.48
C THR A 104 27.12 24.52 15.26
N ARG A 105 26.66 25.12 14.15
CA ARG A 105 27.39 25.11 12.87
C ARG A 105 28.76 25.75 13.05
N SER A 106 28.83 26.84 13.83
CA SER A 106 30.08 27.61 14.03
C SER A 106 31.11 26.80 14.83
N ALA A 107 30.73 25.71 15.50
CA ALA A 107 31.63 24.84 16.29
C ALA A 107 32.26 23.77 15.38
N LEU A 108 31.95 23.77 14.09
CA LEU A 108 32.40 22.73 13.14
C LEU A 108 33.17 23.35 11.98
N LEU A 109 34.05 22.56 11.39
CA LEU A 109 34.89 22.90 10.23
C LEU A 109 34.61 21.86 9.15
N PRO A 110 34.18 22.27 7.94
CA PRO A 110 34.12 21.38 6.80
C PRO A 110 35.54 20.95 6.39
N THR A 111 35.77 19.63 6.27
CA THR A 111 37.06 18.97 5.90
C THR A 111 36.81 17.82 4.91
N ILE A 112 37.87 17.18 4.39
CA ILE A 112 37.83 16.04 3.42
C ILE A 112 36.78 15.02 3.87
N PRO B 4 29.42 4.56 -8.05
CA PRO B 4 29.37 3.29 -7.32
C PRO B 4 29.27 3.52 -5.80
N THR B 5 28.06 3.90 -5.34
CA THR B 5 27.72 4.18 -3.92
C THR B 5 27.53 2.86 -3.15
N SER B 6 27.02 1.80 -3.77
CA SER B 6 26.74 0.50 -3.13
C SER B 6 28.05 -0.25 -2.83
N LEU B 7 28.19 -0.76 -1.60
CA LEU B 7 29.34 -1.64 -1.23
C LEU B 7 28.78 -3.03 -0.97
N CYS B 8 29.08 -3.96 -1.88
CA CYS B 8 28.49 -5.32 -1.86
C CYS B 8 29.51 -6.34 -1.35
N CYS B 9 28.99 -7.44 -0.83
CA CYS B 9 29.81 -8.61 -0.45
C CYS B 9 30.60 -9.08 -1.70
N LYS B 10 31.92 -9.12 -1.62
CA LYS B 10 32.79 -9.45 -2.78
C LYS B 10 32.53 -10.92 -3.16
N GLN B 11 32.19 -11.78 -2.20
CA GLN B 11 32.05 -13.23 -2.43
C GLN B 11 30.76 -13.49 -3.24
N CYS B 12 29.58 -13.12 -2.74
CA CYS B 12 28.32 -13.37 -3.46
C CYS B 12 27.96 -12.25 -4.42
N GLN B 13 28.65 -11.09 -4.35
CA GLN B 13 28.65 -10.02 -5.38
C GLN B 13 27.34 -9.23 -5.41
N GLU B 14 26.18 -9.88 -5.21
CA GLU B 14 24.86 -9.25 -5.45
C GLU B 14 24.34 -8.60 -4.17
N THR B 15 24.86 -8.99 -3.00
CA THR B 15 24.31 -8.59 -1.69
C THR B 15 24.94 -7.28 -1.21
N GLU B 16 24.14 -6.23 -1.10
CA GLU B 16 24.61 -4.94 -0.52
C GLU B 16 24.85 -5.12 0.97
N ILE B 17 25.97 -4.61 1.46
CA ILE B 17 26.24 -4.60 2.92
C ILE B 17 26.15 -3.17 3.45
N THR B 18 26.69 -2.19 2.73
CA THR B 18 26.59 -0.76 3.14
C THR B 18 26.68 0.15 1.91
N THR B 19 26.69 1.45 2.13
CA THR B 19 26.92 2.44 1.07
C THR B 19 27.99 3.44 1.53
N LYS B 20 28.58 4.12 0.56
CA LYS B 20 29.61 5.14 0.80
C LYS B 20 28.99 6.25 1.65
N ASN B 21 27.66 6.43 1.61
CA ASN B 21 26.94 7.49 2.37
C ASN B 21 27.08 7.26 3.88
N GLU B 22 27.38 6.04 4.32
CA GLU B 22 27.38 5.65 5.75
C GLU B 22 28.79 5.70 6.34
N ILE B 23 29.80 6.01 5.56
CA ILE B 23 31.22 6.05 6.05
C ILE B 23 31.40 7.23 6.99
N PHE B 24 32.13 6.99 8.08
CA PHE B 24 32.59 8.08 8.98
C PHE B 24 33.99 7.74 9.46
N SER B 25 34.64 8.69 10.13
CA SER B 25 36.04 8.60 10.63
C SER B 25 36.08 8.69 12.15
N LEU B 26 36.31 7.57 12.82
CA LEU B 26 36.41 7.52 14.30
C LEU B 26 37.81 7.99 14.72
N SER B 27 38.85 7.71 13.90
CA SER B 27 40.26 8.17 14.04
C SER B 27 40.61 9.12 12.89
N HIS B 43 43.52 1.95 7.33
CA HIS B 43 42.42 1.90 6.33
C HIS B 43 42.20 0.48 5.81
N GLU B 44 42.57 -0.61 6.50
CA GLU B 44 42.02 -1.97 6.15
C GLU B 44 40.54 -1.99 6.55
N THR B 45 40.14 -1.19 7.54
CA THR B 45 38.80 -1.31 8.16
C THR B 45 37.98 -0.05 7.86
N LEU B 46 36.88 -0.22 7.16
CA LEU B 46 35.91 0.87 6.90
C LEU B 46 34.99 0.93 8.11
N THR B 47 34.69 2.12 8.62
CA THR B 47 33.70 2.27 9.71
C THR B 47 32.48 2.98 9.11
N VAL B 48 31.31 2.34 9.28
CA VAL B 48 30.03 2.87 8.78
C VAL B 48 28.99 2.88 9.90
N TYR B 49 28.09 3.86 9.84
CA TYR B 49 27.02 3.95 10.85
C TYR B 49 25.97 2.86 10.69
N LYS B 50 25.73 2.44 9.45
N LYS B 50 25.72 2.44 9.45
CA LYS B 50 24.65 1.48 9.11
CA LYS B 50 24.63 1.49 9.13
C LYS B 50 25.14 0.45 8.11
C LYS B 50 25.13 0.46 8.12
N ALA B 51 24.55 -0.74 8.18
CA ALA B 51 24.80 -1.84 7.26
C ALA B 51 23.55 -2.72 7.22
N CYS B 52 23.49 -3.60 6.23
CA CYS B 52 22.36 -4.54 6.06
C CYS B 52 22.89 -5.89 5.58
N ASN B 53 22.03 -6.89 5.63
CA ASN B 53 22.30 -8.23 5.08
C ASN B 53 23.47 -8.89 5.82
N LEU B 54 23.66 -8.59 7.10
CA LEU B 54 24.66 -9.25 7.98
C LEU B 54 23.94 -10.05 9.09
N ASN B 55 24.48 -11.22 9.42
CA ASN B 55 24.12 -12.03 10.60
C ASN B 55 25.21 -11.90 11.65
N LEU B 56 24.80 -11.70 12.91
CA LEU B 56 25.75 -11.63 14.04
C LEU B 56 26.00 -13.04 14.58
N ILE B 57 27.26 -13.37 14.79
CA ILE B 57 27.74 -14.68 15.31
C ILE B 57 28.27 -14.45 16.72
N GLY B 58 27.76 -15.18 17.70
CA GLY B 58 28.25 -15.20 19.09
C GLY B 58 27.88 -13.95 19.86
N ARG B 59 28.62 -13.66 20.93
CA ARG B 59 28.37 -12.54 21.86
C ARG B 59 29.48 -11.51 21.70
N PRO B 60 29.27 -10.24 22.11
CA PRO B 60 30.32 -9.24 22.04
C PRO B 60 31.54 -9.60 22.90
N SER B 61 32.71 -9.14 22.48
CA SER B 61 34.00 -9.30 23.19
C SER B 61 34.81 -8.01 23.08
N THR B 62 35.55 -7.66 24.14
CA THR B 62 36.49 -6.52 24.15
C THR B 62 37.92 -6.98 23.80
N GLU B 63 38.16 -8.28 23.63
CA GLU B 63 39.52 -8.85 23.41
C GLU B 63 40.16 -8.20 22.19
N HIS B 64 41.27 -7.49 22.38
CA HIS B 64 42.05 -6.82 21.30
C HIS B 64 41.15 -5.88 20.47
N SER B 65 40.13 -5.26 21.07
CA SER B 65 39.25 -4.31 20.35
C SER B 65 40.10 -3.20 19.72
N TRP B 66 39.89 -2.92 18.44
CA TRP B 66 40.65 -1.85 17.73
C TRP B 66 40.14 -0.47 18.16
N PHE B 67 38.98 -0.41 18.77
CA PHE B 67 38.25 0.84 19.11
C PHE B 67 37.98 0.82 20.60
N PRO B 68 38.94 1.30 21.42
CA PRO B 68 38.81 1.20 22.86
C PRO B 68 37.46 1.76 23.34
N GLY B 69 36.78 1.01 24.20
CA GLY B 69 35.44 1.35 24.72
C GLY B 69 34.34 0.65 23.93
N TYR B 70 34.69 0.00 22.82
CA TYR B 70 33.74 -0.82 22.03
C TYR B 70 34.13 -2.31 22.13
N ALA B 71 33.10 -3.15 22.16
CA ALA B 71 33.17 -4.62 22.00
C ALA B 71 32.81 -4.95 20.55
N TRP B 72 33.34 -6.06 20.06
CA TRP B 72 33.07 -6.51 18.67
C TRP B 72 32.23 -7.79 18.68
N THR B 73 31.43 -7.96 17.65
CA THR B 73 30.63 -9.17 17.38
C THR B 73 30.84 -9.52 15.91
N VAL B 74 31.22 -10.75 15.61
CA VAL B 74 31.48 -11.16 14.20
C VAL B 74 30.22 -10.91 13.36
N ALA B 75 30.40 -10.35 12.17
CA ALA B 75 29.30 -10.06 11.23
C ALA B 75 29.61 -10.75 9.91
N GLN B 76 28.73 -11.67 9.50
CA GLN B 76 28.91 -12.39 8.22
C GLN B 76 27.76 -12.08 7.28
N CYS B 77 28.05 -12.12 6.00
CA CYS B 77 27.01 -12.02 4.95
C CYS B 77 25.91 -13.07 5.22
N LYS B 78 24.66 -12.61 5.22
CA LYS B 78 23.50 -13.46 5.54
C LYS B 78 23.26 -14.44 4.37
N ILE B 79 23.79 -14.13 3.17
CA ILE B 79 23.56 -14.97 1.95
C ILE B 79 24.65 -16.05 1.87
N CYS B 80 25.94 -15.70 1.96
CA CYS B 80 27.04 -16.65 1.65
C CYS B 80 27.96 -16.93 2.86
N ALA B 81 27.69 -16.30 4.01
CA ALA B 81 28.44 -16.49 5.29
C ALA B 81 29.87 -15.93 5.20
N SER B 82 30.24 -15.18 4.16
CA SER B 82 31.54 -14.46 4.12
C SER B 82 31.69 -13.55 5.37
N HIS B 83 32.80 -13.65 6.07
CA HIS B 83 33.07 -12.78 7.26
C HIS B 83 33.40 -11.38 6.72
N ILE B 84 32.51 -10.42 6.86
CA ILE B 84 32.71 -9.07 6.27
C ILE B 84 33.39 -8.17 7.30
N GLY B 85 33.03 -8.34 8.57
CA GLY B 85 33.68 -7.58 9.64
C GLY B 85 33.01 -7.82 10.97
N TRP B 86 32.72 -6.72 11.66
CA TRP B 86 32.24 -6.77 13.04
C TRP B 86 31.22 -5.66 13.27
N LYS B 87 30.26 -5.95 14.14
N LYS B 87 30.26 -5.95 14.14
CA LYS B 87 29.45 -4.91 14.81
CA LYS B 87 29.45 -4.91 14.81
C LYS B 87 30.25 -4.48 16.04
C LYS B 87 30.24 -4.48 16.04
N PHE B 88 30.45 -3.17 16.19
CA PHE B 88 31.06 -2.56 17.40
C PHE B 88 29.95 -1.96 18.26
N THR B 89 29.95 -2.33 19.53
CA THR B 89 28.94 -1.92 20.54
C THR B 89 29.65 -1.22 21.70
N ALA B 90 29.18 -0.01 22.04
CA ALA B 90 29.75 0.81 23.13
C ALA B 90 29.59 0.08 24.46
N THR B 91 30.60 0.16 25.34
CA THR B 91 30.57 -0.43 26.70
C THR B 91 30.08 0.59 27.73
N LYS B 92 29.88 1.85 27.34
CA LYS B 92 29.42 2.96 28.22
C LYS B 92 28.37 3.80 27.48
N LYS B 93 27.35 4.26 28.21
CA LYS B 93 26.20 4.96 27.60
C LYS B 93 26.60 6.37 27.11
N ASP B 94 27.71 6.95 27.57
CA ASP B 94 28.03 8.36 27.22
C ASP B 94 28.73 8.47 25.86
N MET B 95 29.00 7.32 25.20
N MET B 95 29.00 7.33 25.20
CA MET B 95 29.80 7.28 23.95
CA MET B 95 29.79 7.28 23.95
C MET B 95 28.87 7.46 22.74
C MET B 95 28.87 7.46 22.74
N SER B 96 29.43 7.97 21.64
CA SER B 96 28.71 8.16 20.38
C SER B 96 29.62 7.78 19.23
N PRO B 97 29.15 6.97 18.26
CA PRO B 97 27.86 6.27 18.33
C PRO B 97 27.87 5.10 19.32
N GLN B 98 26.69 4.63 19.70
CA GLN B 98 26.54 3.47 20.61
C GLN B 98 26.89 2.19 19.85
N LYS B 99 26.75 2.22 18.53
CA LYS B 99 27.16 1.07 17.69
C LYS B 99 27.56 1.56 16.31
N PHE B 100 28.41 0.78 15.67
CA PHE B 100 28.78 0.99 14.25
C PHE B 100 29.28 -0.33 13.71
N TRP B 101 29.62 -0.32 12.44
CA TRP B 101 30.19 -1.50 11.76
C TRP B 101 31.60 -1.22 11.32
N GLY B 102 32.50 -2.14 11.64
CA GLY B 102 33.86 -2.13 11.08
C GLY B 102 33.94 -3.24 10.07
N LEU B 103 34.12 -2.86 8.79
CA LEU B 103 34.05 -3.81 7.67
C LEU B 103 35.40 -3.88 6.98
N THR B 104 35.84 -5.10 6.73
CA THR B 104 37.11 -5.35 6.02
C THR B 104 36.93 -4.87 4.58
N ARG B 105 37.70 -3.86 4.15
CA ARG B 105 37.55 -3.21 2.82
C ARG B 105 37.71 -4.24 1.70
N SER B 106 38.65 -5.17 1.84
CA SER B 106 38.92 -6.21 0.80
C SER B 106 37.74 -7.19 0.67
N ALA B 107 36.84 -7.28 1.65
CA ALA B 107 35.66 -8.19 1.63
C ALA B 107 34.48 -7.51 0.90
N LEU B 108 34.69 -6.30 0.40
CA LEU B 108 33.61 -5.51 -0.27
C LEU B 108 34.00 -5.15 -1.70
N LEU B 109 32.98 -4.97 -2.52
CA LEU B 109 33.06 -4.60 -3.95
C LEU B 109 32.23 -3.35 -4.12
N PRO B 110 32.72 -2.20 -4.64
CA PRO B 110 34.11 -2.01 -5.01
C PRO B 110 35.05 -1.97 -3.80
N SER C 3 20.78 19.79 -6.79
CA SER C 3 20.63 18.31 -6.60
C SER C 3 19.38 18.01 -5.77
N PRO C 4 18.37 17.27 -6.32
CA PRO C 4 17.18 16.92 -5.55
C PRO C 4 17.45 15.79 -4.53
N THR C 5 18.23 16.12 -3.49
CA THR C 5 18.67 15.23 -2.37
C THR C 5 17.51 14.97 -1.39
N SER C 6 16.71 15.99 -1.12
CA SER C 6 15.61 15.95 -0.12
C SER C 6 14.42 15.18 -0.74
N LEU C 7 13.84 14.24 0.00
CA LEU C 7 12.60 13.54 -0.42
C LEU C 7 11.47 13.99 0.50
N CYS C 8 10.57 14.81 -0.03
CA CYS C 8 9.52 15.46 0.78
C CYS C 8 8.16 14.78 0.58
N CYS C 9 7.29 14.93 1.56
CA CYS C 9 5.88 14.51 1.44
C CYS C 9 5.25 15.26 0.22
N LYS C 10 4.76 14.50 -0.76
N LYS C 10 4.78 14.51 -0.77
CA LYS C 10 4.22 15.08 -2.01
CA LYS C 10 4.22 15.08 -2.01
C LYS C 10 2.99 15.93 -1.71
C LYS C 10 2.99 15.94 -1.70
N GLN C 11 2.21 15.59 -0.69
CA GLN C 11 0.91 16.27 -0.39
C GLN C 11 1.19 17.67 0.18
N CYS C 12 1.87 17.77 1.34
CA CYS C 12 2.12 19.07 1.98
C CYS C 12 3.37 19.74 1.40
N GLN C 13 4.21 19.02 0.65
CA GLN C 13 5.32 19.55 -0.19
C GLN C 13 6.51 20.00 0.64
N GLU C 14 6.30 20.62 1.81
CA GLU C 14 7.37 21.34 2.54
C GLU C 14 8.09 20.41 3.51
N THR C 15 7.48 19.26 3.85
CA THR C 15 7.93 18.38 4.95
C THR C 15 8.91 17.36 4.38
N GLU C 16 10.16 17.43 4.83
CA GLU C 16 11.15 16.40 4.45
C GLU C 16 10.83 15.10 5.20
N ILE C 17 10.88 13.97 4.51
CA ILE C 17 10.68 12.66 5.16
C ILE C 17 12.01 11.90 5.19
N THR C 18 12.78 11.94 4.11
CA THR C 18 14.13 11.31 4.07
C THR C 18 15.01 12.04 3.05
N THR C 19 16.21 11.54 2.85
CA THR C 19 17.11 12.00 1.78
C THR C 19 17.62 10.82 0.99
N LYS C 20 18.10 11.10 -0.21
CA LYS C 20 18.69 10.07 -1.09
C LYS C 20 19.90 9.45 -0.39
N ASN C 21 20.54 10.18 0.55
CA ASN C 21 21.73 9.69 1.30
C ASN C 21 21.40 8.44 2.13
N GLU C 22 20.12 8.26 2.47
CA GLU C 22 19.70 7.20 3.42
C GLU C 22 19.21 5.93 2.72
N ILE C 23 19.18 5.92 1.39
CA ILE C 23 18.68 4.77 0.60
C ILE C 23 19.65 3.57 0.73
N PHE C 24 19.08 2.39 0.88
CA PHE C 24 19.88 1.14 0.83
C PHE C 24 19.06 0.05 0.12
N SER C 25 19.72 -1.06 -0.20
CA SER C 25 19.18 -2.19 -0.97
C SER C 25 19.21 -3.48 -0.15
N LEU C 26 18.07 -3.91 0.36
CA LEU C 26 17.90 -5.11 1.19
C LEU C 26 17.81 -6.30 0.25
N SER C 27 18.47 -7.42 0.56
CA SER C 27 18.51 -8.62 -0.32
C SER C 27 17.38 -9.60 0.02
N HIS C 43 10.05 -2.80 -4.72
CA HIS C 43 10.85 -1.79 -5.50
C HIS C 43 9.99 -0.54 -5.80
N GLU C 44 8.65 -0.66 -5.88
CA GLU C 44 7.62 0.40 -5.60
C GLU C 44 7.89 1.11 -4.25
N THR C 45 8.61 0.42 -3.39
CA THR C 45 8.91 0.79 -1.99
C THR C 45 10.41 1.09 -1.88
N LEU C 46 10.71 2.32 -1.48
CA LEU C 46 12.08 2.76 -1.21
C LEU C 46 12.43 2.34 0.23
N THR C 47 13.60 1.77 0.48
CA THR C 47 14.04 1.44 1.86
C THR C 47 15.17 2.40 2.24
N VAL C 48 14.99 3.08 3.37
CA VAL C 48 15.98 4.03 3.93
C VAL C 48 16.29 3.69 5.39
N TYR C 49 17.51 3.96 5.81
CA TYR C 49 17.92 3.67 7.19
C TYR C 49 17.26 4.63 8.18
N LYS C 50 17.07 5.88 7.76
N LYS C 50 17.08 5.88 7.75
CA LYS C 50 16.61 6.97 8.63
CA LYS C 50 16.61 6.98 8.63
C LYS C 50 15.55 7.79 7.87
C LYS C 50 15.55 7.79 7.87
N ALA C 51 14.63 8.36 8.64
CA ALA C 51 13.55 9.23 8.15
C ALA C 51 13.13 10.13 9.29
N CYS C 52 12.39 11.18 8.95
CA CYS C 52 11.95 12.17 9.94
C CYS C 52 10.54 12.64 9.62
N ASN C 53 9.93 13.30 10.59
CA ASN C 53 8.62 13.98 10.41
C ASN C 53 7.51 12.96 10.11
N LEU C 54 7.65 11.74 10.66
CA LEU C 54 6.63 10.67 10.56
C LEU C 54 6.07 10.35 11.94
N ASN C 55 4.76 10.14 12.02
CA ASN C 55 4.05 9.63 13.22
C ASN C 55 3.71 8.17 12.98
N LEU C 56 4.02 7.32 13.97
CA LEU C 56 3.70 5.88 13.91
C LEU C 56 2.28 5.65 14.43
N ILE C 57 1.51 4.87 13.69
CA ILE C 57 0.10 4.52 14.00
C ILE C 57 0.06 3.05 14.41
N GLY C 58 -0.42 2.79 15.63
CA GLY C 58 -0.61 1.44 16.15
C GLY C 58 0.69 0.77 16.54
N ARG C 59 0.63 -0.55 16.67
CA ARG C 59 1.71 -1.43 17.18
C ARG C 59 2.22 -2.26 16.01
N PRO C 60 3.49 -2.76 16.06
CA PRO C 60 4.04 -3.54 14.95
C PRO C 60 3.26 -4.84 14.70
N SER C 61 3.25 -5.27 13.45
CA SER C 61 2.58 -6.51 12.99
C SER C 61 3.50 -7.21 11.99
N THR C 62 3.54 -8.54 12.06
CA THR C 62 4.26 -9.37 11.06
C THR C 62 3.33 -9.79 9.91
N GLU C 63 2.03 -9.51 10.00
CA GLU C 63 1.02 -9.98 9.01
C GLU C 63 1.43 -9.53 7.60
N HIS C 64 1.69 -10.47 6.71
CA HIS C 64 2.01 -10.24 5.29
C HIS C 64 3.24 -9.32 5.15
N SER C 65 4.18 -9.35 6.09
CA SER C 65 5.42 -8.54 6.01
C SER C 65 6.15 -8.83 4.70
N TRP C 66 6.55 -7.78 3.99
CA TRP C 66 7.30 -7.91 2.71
C TRP C 66 8.74 -8.30 2.98
N PHE C 67 9.20 -8.12 4.21
CA PHE C 67 10.62 -8.31 4.61
C PHE C 67 10.63 -9.32 5.74
N PRO C 68 10.72 -10.62 5.41
CA PRO C 68 10.59 -11.65 6.43
C PRO C 68 11.62 -11.42 7.55
N GLY C 69 11.15 -11.54 8.79
CA GLY C 69 11.92 -11.27 10.00
C GLY C 69 11.66 -9.88 10.53
N TYR C 70 10.96 -9.03 9.77
CA TYR C 70 10.58 -7.68 10.24
C TYR C 70 9.06 -7.59 10.43
N ALA C 71 8.64 -6.83 11.43
CA ALA C 71 7.28 -6.32 11.63
C ALA C 71 7.16 -4.90 11.04
N TRP C 72 5.96 -4.51 10.66
CA TRP C 72 5.68 -3.17 10.09
C TRP C 72 4.80 -2.38 11.04
N THR C 73 4.98 -1.08 11.01
CA THR C 73 4.12 -0.08 11.70
C THR C 73 3.80 1.03 10.68
N VAL C 74 2.54 1.35 10.49
CA VAL C 74 2.14 2.43 9.55
C VAL C 74 2.83 3.75 9.97
N ALA C 75 3.36 4.46 8.98
CA ALA C 75 4.04 5.77 9.15
C ALA C 75 3.33 6.82 8.30
N GLN C 76 2.82 7.87 8.95
CA GLN C 76 2.15 8.98 8.24
C GLN C 76 2.89 10.28 8.47
N CYS C 77 2.77 11.17 7.49
CA CYS C 77 3.34 12.53 7.60
C CYS C 77 2.76 13.23 8.83
N LYS C 78 3.63 13.80 9.67
CA LYS C 78 3.23 14.48 10.94
C LYS C 78 2.44 15.75 10.63
N ILE C 79 2.61 16.32 9.43
CA ILE C 79 1.95 17.61 9.05
C ILE C 79 0.57 17.33 8.45
N CYS C 80 0.47 16.43 7.46
CA CYS C 80 -0.80 16.30 6.68
C CYS C 80 -1.47 14.93 6.84
N ALA C 81 -0.86 14.03 7.63
CA ALA C 81 -1.36 12.67 7.93
C ALA C 81 -1.40 11.77 6.68
N SER C 82 -0.80 12.17 5.56
CA SER C 82 -0.66 11.28 4.38
C SER C 82 0.14 10.03 4.78
N HIS C 83 -0.35 8.86 4.42
CA HIS C 83 0.36 7.57 4.64
C HIS C 83 1.57 7.51 3.70
N ILE C 84 2.77 7.55 4.25
CA ILE C 84 4.02 7.61 3.43
C ILE C 84 4.56 6.19 3.28
N GLY C 85 4.46 5.40 4.33
CA GLY C 85 4.93 3.99 4.30
C GLY C 85 4.88 3.36 5.66
N TRP C 86 5.99 2.70 6.04
CA TRP C 86 6.04 1.85 7.24
C TRP C 86 7.43 1.91 7.87
N LYS C 87 7.47 1.85 9.20
CA LYS C 87 8.67 1.49 9.96
C LYS C 87 8.73 -0.03 10.03
N PHE C 88 9.86 -0.62 9.63
CA PHE C 88 10.14 -2.07 9.76
C PHE C 88 11.08 -2.28 10.94
N THR C 89 10.69 -3.19 11.85
CA THR C 89 11.40 -3.48 13.11
C THR C 89 11.71 -4.98 13.17
N ALA C 90 12.99 -5.32 13.41
CA ALA C 90 13.49 -6.71 13.41
C ALA C 90 12.81 -7.50 14.54
N THR C 91 12.46 -8.77 14.29
CA THR C 91 11.86 -9.68 15.29
C THR C 91 12.95 -10.48 16.03
N LYS C 92 14.20 -10.42 15.58
CA LYS C 92 15.35 -11.18 16.13
C LYS C 92 16.58 -10.26 16.24
N LYS C 93 17.39 -10.49 17.27
CA LYS C 93 18.52 -9.61 17.65
C LYS C 93 19.64 -9.71 16.63
N ASP C 94 19.75 -10.82 15.89
CA ASP C 94 20.95 -11.09 15.07
C ASP C 94 20.84 -10.42 13.69
N MET C 95 19.70 -9.75 13.41
N MET C 95 19.71 -9.75 13.40
CA MET C 95 19.41 -9.16 12.09
CA MET C 95 19.45 -9.18 12.06
C MET C 95 19.97 -7.74 12.02
C MET C 95 19.96 -7.74 12.01
N SER C 96 20.32 -7.29 10.82
CA SER C 96 20.84 -5.93 10.57
C SER C 96 20.21 -5.40 9.29
N PRO C 97 19.66 -4.16 9.28
CA PRO C 97 19.52 -3.34 10.47
C PRO C 97 18.39 -3.83 11.38
N GLN C 98 18.36 -3.35 12.62
CA GLN C 98 17.29 -3.69 13.59
C GLN C 98 16.02 -2.93 13.18
N LYS C 99 16.14 -1.83 12.45
CA LYS C 99 14.97 -1.08 11.96
C LYS C 99 15.35 -0.34 10.67
N PHE C 100 14.35 -0.09 9.86
CA PHE C 100 14.47 0.76 8.66
C PHE C 100 13.07 1.26 8.32
N TRP C 101 12.98 2.06 7.27
CA TRP C 101 11.70 2.58 6.74
C TRP C 101 11.50 2.09 5.32
N GLY C 102 10.31 1.59 5.03
CA GLY C 102 9.88 1.31 3.66
C GLY C 102 8.88 2.38 3.27
N LEU C 103 9.21 3.20 2.30
CA LEU C 103 8.40 4.38 1.89
C LEU C 103 7.86 4.20 0.48
N THR C 104 6.59 4.52 0.31
CA THR C 104 5.94 4.43 -1.01
C THR C 104 6.52 5.55 -1.89
N ARG C 105 7.21 5.20 -2.98
CA ARG C 105 7.95 6.17 -3.82
C ARG C 105 7.01 7.30 -4.32
N SER C 106 5.79 6.93 -4.71
CA SER C 106 4.79 7.88 -5.26
C SER C 106 4.32 8.91 -4.22
N ALA C 107 4.54 8.65 -2.92
CA ALA C 107 4.14 9.54 -1.80
C ALA C 107 5.18 10.64 -1.59
N LEU C 108 6.29 10.59 -2.34
CA LEU C 108 7.43 11.52 -2.13
C LEU C 108 7.72 12.33 -3.39
N LEU C 109 8.26 13.51 -3.14
CA LEU C 109 8.70 14.48 -4.17
C LEU C 109 10.19 14.73 -3.95
N PRO C 110 11.03 14.46 -4.96
CA PRO C 110 12.43 14.89 -4.94
C PRO C 110 12.50 16.43 -4.97
N THR C 111 13.19 17.02 -3.98
CA THR C 111 13.25 18.48 -3.77
C THR C 111 14.74 18.82 -3.66
N ILE C 112 15.19 19.81 -4.44
CA ILE C 112 16.62 20.22 -4.57
C ILE C 112 17.13 20.70 -3.20
N PRO C 113 16.41 21.60 -2.51
CA PRO C 113 16.71 21.96 -1.12
C PRO C 113 17.17 20.85 -0.16
N SER D 3 -30.47 2.72 7.69
CA SER D 3 -29.43 2.40 6.68
C SER D 3 -29.06 0.92 6.68
N PRO D 4 -30.03 -0.02 6.75
CA PRO D 4 -29.70 -1.45 6.68
C PRO D 4 -29.37 -1.91 5.25
N THR D 5 -28.23 -1.45 4.73
CA THR D 5 -27.64 -1.73 3.39
C THR D 5 -27.12 -3.16 3.31
N SER D 6 -26.44 -3.61 4.36
N SER D 6 -26.44 -3.61 4.36
CA SER D 6 -25.74 -4.92 4.40
CA SER D 6 -25.75 -4.93 4.39
C SER D 6 -26.79 -6.02 4.64
C SER D 6 -26.80 -6.02 4.65
N LEU D 7 -26.77 -7.10 3.86
CA LEU D 7 -27.64 -8.27 4.11
C LEU D 7 -26.73 -9.42 4.54
N CYS D 8 -26.81 -9.75 5.82
CA CYS D 8 -25.88 -10.69 6.46
C CYS D 8 -26.55 -12.05 6.67
N CYS D 9 -25.73 -13.10 6.72
CA CYS D 9 -26.19 -14.43 7.16
C CYS D 9 -26.86 -14.32 8.54
N LYS D 10 -28.12 -14.72 8.63
N LYS D 10 -28.13 -14.71 8.63
CA LYS D 10 -28.91 -14.61 9.89
CA LYS D 10 -28.92 -14.61 9.89
C LYS D 10 -28.28 -15.49 10.98
C LYS D 10 -28.29 -15.49 10.98
N GLN D 11 -27.68 -16.62 10.62
CA GLN D 11 -27.13 -17.59 11.59
C GLN D 11 -25.89 -17.03 12.29
N CYS D 12 -24.81 -16.77 11.54
CA CYS D 12 -23.54 -16.27 12.12
C CYS D 12 -23.58 -14.74 12.29
N GLN D 13 -24.55 -14.04 11.69
CA GLN D 13 -24.88 -12.60 11.97
C GLN D 13 -23.82 -11.63 11.40
N GLU D 14 -22.52 -11.98 11.44
CA GLU D 14 -21.42 -11.04 11.15
C GLU D 14 -21.02 -11.09 9.68
N THR D 15 -21.42 -12.12 8.95
CA THR D 15 -20.94 -12.39 7.58
C THR D 15 -21.90 -11.71 6.59
N GLU D 16 -21.39 -10.72 5.85
CA GLU D 16 -22.17 -10.10 4.77
C GLU D 16 -22.26 -11.09 3.61
N ILE D 17 -23.46 -11.22 3.03
CA ILE D 17 -23.62 -12.07 1.83
C ILE D 17 -23.88 -11.20 0.59
N THR D 18 -24.73 -10.17 0.73
CA THR D 18 -24.97 -9.20 -0.36
C THR D 18 -25.33 -7.84 0.25
N THR D 19 -25.65 -6.90 -0.62
CA THR D 19 -26.22 -5.60 -0.20
C THR D 19 -27.50 -5.32 -0.96
N LYS D 20 -28.28 -4.41 -0.40
CA LYS D 20 -29.52 -3.92 -1.04
C LYS D 20 -29.19 -3.32 -2.41
N ASN D 21 -27.97 -2.82 -2.59
CA ASN D 21 -27.51 -2.16 -3.85
C ASN D 21 -27.48 -3.16 -5.01
N GLU D 22 -27.43 -4.46 -4.74
CA GLU D 22 -27.25 -5.49 -5.77
C GLU D 22 -28.60 -6.13 -6.15
N ILE D 23 -29.70 -5.73 -5.55
CA ILE D 23 -31.04 -6.33 -5.81
C ILE D 23 -31.51 -5.91 -7.20
N PHE D 24 -32.06 -6.86 -7.94
CA PHE D 24 -32.77 -6.56 -9.20
C PHE D 24 -34.01 -7.44 -9.28
N SER D 25 -34.86 -7.14 -10.25
CA SER D 25 -36.17 -7.80 -10.47
C SER D 25 -36.19 -8.49 -11.84
N LEU D 26 -36.07 -9.80 -11.86
CA LEU D 26 -36.02 -10.61 -13.10
C LEU D 26 -37.48 -10.81 -13.55
N SER D 27 -37.72 -10.75 -14.86
CA SER D 27 -39.03 -11.00 -15.51
C SER D 27 -38.96 -12.28 -16.35
N HIS D 43 -40.47 -14.35 -4.57
CA HIS D 43 -40.97 -13.56 -3.40
C HIS D 43 -40.27 -14.04 -2.11
N GLU D 44 -40.16 -15.36 -1.93
CA GLU D 44 -39.27 -15.94 -0.88
C GLU D 44 -37.81 -15.70 -1.28
N THR D 45 -37.54 -15.52 -2.58
CA THR D 45 -36.17 -15.55 -3.14
C THR D 45 -35.79 -14.15 -3.67
N LEU D 46 -34.76 -13.58 -3.09
CA LEU D 46 -34.18 -12.29 -3.49
C LEU D 46 -33.19 -12.57 -4.63
N THR D 47 -33.20 -11.77 -5.70
CA THR D 47 -32.22 -11.96 -6.79
C THR D 47 -31.26 -10.76 -6.76
N VAL D 48 -29.97 -11.05 -6.71
CA VAL D 48 -28.91 -10.02 -6.66
C VAL D 48 -27.84 -10.32 -7.71
N TYR D 49 -27.24 -9.28 -8.27
CA TYR D 49 -26.21 -9.50 -9.32
C TYR D 49 -24.92 -10.06 -8.73
N LYS D 50 -24.60 -9.65 -7.51
N LYS D 50 -24.61 -9.66 -7.51
CA LYS D 50 -23.32 -9.96 -6.86
CA LYS D 50 -23.32 -9.96 -6.86
C LYS D 50 -23.57 -10.36 -5.40
C LYS D 50 -23.57 -10.37 -5.41
N ALA D 51 -22.69 -11.24 -4.91
CA ALA D 51 -22.70 -11.71 -3.52
C ALA D 51 -21.26 -12.08 -3.15
N CYS D 52 -21.05 -12.22 -1.85
CA CYS D 52 -19.71 -12.59 -1.32
C CYS D 52 -19.87 -13.59 -0.15
N ASN D 53 -18.76 -14.16 0.25
CA ASN D 53 -18.66 -15.04 1.46
C ASN D 53 -19.56 -16.27 1.33
N LEU D 54 -19.77 -16.75 0.09
CA LEU D 54 -20.50 -18.02 -0.17
C LEU D 54 -19.55 -19.06 -0.78
N ASN D 55 -19.77 -20.32 -0.39
CA ASN D 55 -19.13 -21.51 -1.02
C ASN D 55 -20.16 -22.19 -1.90
N LEU D 56 -19.76 -22.55 -3.10
CA LEU D 56 -20.58 -23.35 -4.04
C LEU D 56 -20.36 -24.82 -3.77
N ILE D 57 -21.47 -25.56 -3.67
CA ILE D 57 -21.47 -27.02 -3.42
C ILE D 57 -21.93 -27.72 -4.70
N GLY D 58 -21.11 -28.63 -5.23
CA GLY D 58 -21.49 -29.49 -6.36
C GLY D 58 -21.45 -28.75 -7.68
N ARG D 59 -22.11 -29.28 -8.70
CA ARG D 59 -22.06 -28.78 -10.10
C ARG D 59 -23.42 -28.21 -10.45
N PRO D 60 -23.53 -27.28 -11.42
CA PRO D 60 -24.83 -26.70 -11.79
C PRO D 60 -25.81 -27.77 -12.30
N SER D 61 -27.09 -27.55 -12.05
CA SER D 61 -28.19 -28.45 -12.45
C SER D 61 -29.32 -27.57 -12.98
N THR D 62 -29.99 -28.07 -14.02
CA THR D 62 -31.20 -27.44 -14.59
C THR D 62 -32.48 -28.03 -13.98
N GLU D 63 -32.36 -29.08 -13.14
CA GLU D 63 -33.54 -29.81 -12.60
C GLU D 63 -34.43 -28.85 -11.83
N HIS D 64 -35.67 -28.66 -12.26
CA HIS D 64 -36.70 -27.82 -11.59
C HIS D 64 -36.20 -26.38 -11.39
N SER D 65 -35.34 -25.86 -12.26
CA SER D 65 -34.88 -24.45 -12.18
C SER D 65 -36.06 -23.49 -12.12
N TRP D 66 -36.06 -22.56 -11.18
CA TRP D 66 -37.15 -21.55 -11.04
C TRP D 66 -37.00 -20.47 -12.12
N PHE D 67 -35.83 -20.42 -12.76
CA PHE D 67 -35.49 -19.38 -13.77
C PHE D 67 -35.09 -20.10 -15.04
N PRO D 68 -36.08 -20.42 -15.90
CA PRO D 68 -35.82 -21.21 -17.10
C PRO D 68 -34.68 -20.58 -17.92
N GLY D 69 -33.74 -21.43 -18.35
CA GLY D 69 -32.53 -21.05 -19.07
C GLY D 69 -31.34 -20.94 -18.14
N TYR D 70 -31.56 -20.95 -16.83
CA TYR D 70 -30.47 -20.93 -15.83
C TYR D 70 -30.39 -22.29 -15.12
N ALA D 71 -29.15 -22.67 -14.81
CA ALA D 71 -28.81 -23.80 -13.90
C ALA D 71 -28.52 -23.23 -12.52
N TRP D 72 -28.75 -24.03 -11.49
CA TRP D 72 -28.54 -23.61 -10.09
C TRP D 72 -27.39 -24.41 -9.49
N THR D 73 -26.68 -23.76 -8.57
CA THR D 73 -25.63 -24.40 -7.72
C THR D 73 -25.90 -23.97 -6.28
N VAL D 74 -25.98 -24.91 -5.35
CA VAL D 74 -26.22 -24.58 -3.92
C VAL D 74 -25.11 -23.64 -3.43
N ALA D 75 -25.50 -22.63 -2.67
CA ALA D 75 -24.60 -21.61 -2.08
C ALA D 75 -24.79 -21.58 -0.57
N GLN D 76 -23.70 -21.83 0.17
CA GLN D 76 -23.75 -21.80 1.65
C GLN D 76 -22.79 -20.75 2.20
N CYS D 77 -23.13 -20.23 3.37
CA CYS D 77 -22.27 -19.28 4.07
C CYS D 77 -20.90 -19.94 4.31
N LYS D 78 -19.81 -19.23 3.98
CA LYS D 78 -18.44 -19.80 4.09
C LYS D 78 -18.05 -19.93 5.57
N ILE D 79 -18.73 -19.20 6.47
CA ILE D 79 -18.39 -19.18 7.93
C ILE D 79 -19.15 -20.30 8.65
N CYS D 80 -20.48 -20.41 8.48
CA CYS D 80 -21.28 -21.34 9.31
C CYS D 80 -21.96 -22.44 8.49
N ALA D 81 -21.77 -22.46 7.16
CA ALA D 81 -22.28 -23.50 6.23
C ALA D 81 -23.82 -23.44 6.10
N SER D 82 -24.49 -22.42 6.64
CA SER D 82 -25.95 -22.23 6.43
C SER D 82 -26.25 -22.11 4.93
N HIS D 83 -27.23 -22.86 4.44
CA HIS D 83 -27.70 -22.79 3.03
C HIS D 83 -28.41 -21.44 2.82
N ILE D 84 -27.81 -20.53 2.07
CA ILE D 84 -28.38 -19.16 1.91
C ILE D 84 -29.20 -19.12 0.63
N GLY D 85 -28.78 -19.83 -0.40
CA GLY D 85 -29.50 -19.87 -1.69
C GLY D 85 -28.74 -20.60 -2.77
N TRP D 86 -28.69 -20.00 -3.95
CA TRP D 86 -28.14 -20.63 -5.17
C TRP D 86 -27.49 -19.58 -6.07
N LYS D 87 -26.43 -19.99 -6.75
CA LYS D 87 -25.87 -19.27 -7.91
C LYS D 87 -26.61 -19.77 -9.13
N PHE D 88 -27.15 -18.84 -9.93
CA PHE D 88 -27.83 -19.15 -11.22
C PHE D 88 -26.89 -18.78 -12.35
N THR D 89 -26.65 -19.74 -13.25
CA THR D 89 -25.73 -19.59 -14.41
C THR D 89 -26.48 -19.85 -15.72
N ALA D 90 -26.40 -18.92 -16.67
CA ALA D 90 -27.10 -19.01 -17.98
C ALA D 90 -26.62 -20.25 -18.74
N THR D 91 -27.54 -20.93 -19.43
CA THR D 91 -27.25 -22.07 -20.35
C THR D 91 -27.09 -21.55 -21.79
N LYS D 92 -27.37 -20.26 -22.06
CA LYS D 92 -27.27 -19.65 -23.41
C LYS D 92 -26.60 -18.28 -23.33
N LYS D 93 -25.78 -17.99 -24.33
CA LYS D 93 -24.93 -16.76 -24.39
C LYS D 93 -25.79 -15.51 -24.55
N ASP D 94 -27.01 -15.61 -25.10
CA ASP D 94 -27.79 -14.37 -25.47
C ASP D 94 -28.56 -13.82 -24.26
N MET D 95 -28.48 -14.49 -23.10
N MET D 95 -28.48 -14.48 -23.11
CA MET D 95 -29.28 -14.14 -21.91
CA MET D 95 -29.31 -14.13 -21.92
C MET D 95 -28.53 -13.11 -21.07
C MET D 95 -28.54 -13.13 -21.05
N SER D 96 -29.28 -12.29 -20.33
CA SER D 96 -28.71 -11.26 -19.45
C SER D 96 -29.51 -11.24 -18.16
N PRO D 97 -28.86 -11.29 -16.98
CA PRO D 97 -27.41 -11.47 -16.85
C PRO D 97 -27.00 -12.92 -17.11
N GLN D 98 -25.70 -13.16 -17.32
N GLN D 98 -25.71 -13.15 -17.32
CA GLN D 98 -25.17 -14.52 -17.55
CA GLN D 98 -25.16 -14.51 -17.54
C GLN D 98 -25.15 -15.27 -16.20
C GLN D 98 -25.14 -15.27 -16.20
N LYS D 99 -25.12 -14.54 -15.08
CA LYS D 99 -25.22 -15.18 -13.76
C LYS D 99 -25.79 -14.20 -12.75
N PHE D 100 -26.40 -14.76 -11.70
CA PHE D 100 -26.89 -13.98 -10.56
C PHE D 100 -27.01 -14.94 -9.38
N TRP D 101 -27.45 -14.43 -8.25
CA TRP D 101 -27.71 -15.22 -7.03
C TRP D 101 -29.18 -15.11 -6.67
N GLY D 102 -29.78 -16.26 -6.36
CA GLY D 102 -31.11 -16.32 -5.77
C GLY D 102 -30.92 -16.68 -4.30
N LEU D 103 -31.25 -15.78 -3.40
CA LEU D 103 -31.00 -15.95 -1.94
C LEU D 103 -32.33 -16.02 -1.18
N THR D 104 -32.43 -16.97 -0.27
CA THR D 104 -33.63 -17.16 0.56
C THR D 104 -33.69 -15.97 1.55
N ARG D 105 -34.74 -15.16 1.47
CA ARG D 105 -34.85 -13.89 2.24
C ARG D 105 -34.77 -14.19 3.74
N SER D 106 -35.38 -15.28 4.20
CA SER D 106 -35.42 -15.65 5.63
C SER D 106 -34.01 -16.00 6.16
N ALA D 107 -33.07 -16.34 5.28
CA ALA D 107 -31.70 -16.73 5.65
C ALA D 107 -30.82 -15.47 5.87
N LEU D 108 -31.39 -14.28 5.66
CA LEU D 108 -30.62 -13.02 5.72
C LEU D 108 -31.21 -12.06 6.77
N LEU D 109 -30.33 -11.21 7.28
CA LEU D 109 -30.62 -10.19 8.29
C LEU D 109 -30.16 -8.85 7.72
N PRO D 110 -31.03 -7.82 7.58
CA PRO D 110 -32.44 -7.90 7.98
C PRO D 110 -33.24 -8.82 7.05
N SER E 3 -24.99 13.74 -5.66
CA SER E 3 -24.75 12.54 -4.84
C SER E 3 -23.28 12.42 -4.44
N PRO E 4 -22.98 11.98 -3.20
CA PRO E 4 -21.61 11.67 -2.81
C PRO E 4 -21.12 10.30 -3.37
N THR E 5 -21.72 9.75 -4.43
CA THR E 5 -21.69 8.31 -4.79
C THR E 5 -20.39 8.01 -5.57
N SER E 6 -19.86 8.93 -6.35
CA SER E 6 -18.69 8.70 -7.24
C SER E 6 -17.39 8.65 -6.39
N LEU E 7 -16.55 7.65 -6.62
CA LEU E 7 -15.20 7.59 -6.02
C LEU E 7 -14.18 7.76 -7.14
N CYS E 8 -13.54 8.93 -7.17
CA CYS E 8 -12.66 9.31 -8.29
C CYS E 8 -11.18 9.18 -7.92
N CYS E 9 -10.33 9.04 -8.93
CA CYS E 9 -8.86 9.07 -8.74
C CYS E 9 -8.49 10.43 -8.11
N LYS E 10 -7.85 10.40 -6.94
CA LYS E 10 -7.48 11.64 -6.20
C LYS E 10 -6.48 12.46 -7.03
N GLN E 11 -5.63 11.80 -7.82
CA GLN E 11 -4.54 12.47 -8.58
C GLN E 11 -5.13 13.29 -9.75
N CYS E 12 -5.83 12.66 -10.70
CA CYS E 12 -6.39 13.40 -11.86
C CYS E 12 -7.80 13.94 -11.57
N GLN E 13 -8.42 13.54 -10.47
CA GLN E 13 -9.66 14.16 -9.89
C GLN E 13 -10.93 13.84 -10.70
N GLU E 14 -10.88 13.85 -12.04
CA GLU E 14 -12.07 13.83 -12.91
C GLU E 14 -12.43 12.39 -13.29
N THR E 15 -11.54 11.44 -13.08
CA THR E 15 -11.69 10.02 -13.51
C THR E 15 -12.41 9.23 -12.41
N GLU E 16 -13.62 8.77 -12.70
CA GLU E 16 -14.34 7.87 -11.75
C GLU E 16 -13.66 6.50 -11.79
N ILE E 17 -13.44 5.91 -10.62
CA ILE E 17 -12.86 4.53 -10.55
C ILE E 17 -13.94 3.54 -10.08
N THR E 18 -14.75 3.93 -9.11
CA THR E 18 -15.88 3.10 -8.63
C THR E 18 -16.98 3.99 -8.04
N THR E 19 -18.02 3.36 -7.52
CA THR E 19 -19.06 4.07 -6.76
C THR E 19 -19.26 3.41 -5.40
N LYS E 20 -19.83 4.15 -4.48
CA LYS E 20 -20.22 3.66 -3.14
C LYS E 20 -21.19 2.49 -3.30
N ASN E 21 -21.94 2.42 -4.39
CA ASN E 21 -22.94 1.37 -4.66
C ASN E 21 -22.27 0.01 -4.84
N GLU E 22 -20.97 -0.03 -5.12
CA GLU E 22 -20.24 -1.28 -5.44
C GLU E 22 -19.50 -1.85 -4.24
N ILE E 23 -19.54 -1.16 -3.10
CA ILE E 23 -18.77 -1.55 -1.88
C ILE E 23 -19.40 -2.81 -1.29
N PHE E 24 -18.54 -3.72 -0.86
CA PHE E 24 -18.99 -4.88 -0.05
C PHE E 24 -17.93 -5.15 1.02
N SER E 25 -18.27 -6.02 1.96
CA SER E 25 -17.46 -6.38 3.15
C SER E 25 -17.10 -7.87 3.11
N LEU E 26 -15.85 -8.18 2.75
CA LEU E 26 -15.35 -9.56 2.60
C LEU E 26 -15.03 -10.08 4.01
N SER E 27 -15.33 -11.35 4.27
CA SER E 27 -14.87 -12.15 5.43
C SER E 27 -15.78 -11.95 6.64
N VAL E 42 -8.61 -5.20 7.09
CA VAL E 42 -7.88 -4.49 6.00
C VAL E 42 -8.54 -3.11 5.78
N HIS E 43 -8.39 -2.22 6.76
CA HIS E 43 -9.12 -0.92 6.91
C HIS E 43 -8.77 0.05 5.75
N GLU E 44 -7.51 0.05 5.32
CA GLU E 44 -6.95 0.97 4.29
CA GLU E 44 -7.00 1.02 4.30
C GLU E 44 -7.57 0.68 2.91
N THR E 45 -8.12 -0.53 2.75
CA THR E 45 -8.46 -1.10 1.43
C THR E 45 -9.98 -1.23 1.28
N LEU E 46 -10.54 -0.55 0.30
CA LEU E 46 -11.97 -0.64 -0.05
C LEU E 46 -12.12 -1.82 -1.00
N THR E 47 -13.11 -2.69 -0.79
CA THR E 47 -13.37 -3.81 -1.72
C THR E 47 -14.69 -3.49 -2.42
N VAL E 48 -14.64 -3.53 -3.76
CA VAL E 48 -15.81 -3.26 -4.61
C VAL E 48 -15.94 -4.37 -5.65
N TYR E 49 -17.17 -4.66 -6.03
CA TYR E 49 -17.42 -5.71 -7.05
C TYR E 49 -17.01 -5.25 -8.44
N LYS E 50 -17.14 -3.95 -8.71
N LYS E 50 -17.10 -3.95 -8.70
CA LYS E 50 -16.95 -3.40 -10.09
CA LYS E 50 -16.93 -3.39 -10.06
C LYS E 50 -16.16 -2.11 -9.98
C LYS E 50 -16.15 -2.09 -9.96
N ALA E 51 -15.39 -1.80 -11.02
CA ALA E 51 -14.60 -0.57 -11.17
C ALA E 51 -14.40 -0.29 -12.65
N CYS E 52 -13.94 0.92 -12.95
CA CYS E 52 -13.72 1.35 -14.33
C CYS E 52 -12.52 2.26 -14.42
N ASN E 53 -12.08 2.51 -15.66
CA ASN E 53 -10.98 3.47 -15.92
C ASN E 53 -9.67 3.00 -15.27
N LEU E 54 -9.47 1.70 -15.10
CA LEU E 54 -8.25 1.09 -14.57
C LEU E 54 -7.58 0.22 -15.65
N ASN E 55 -6.26 0.28 -15.72
CA ASN E 55 -5.39 -0.59 -16.56
C ASN E 55 -4.69 -1.59 -15.65
N LEU E 56 -4.67 -2.86 -16.05
CA LEU E 56 -3.98 -3.93 -15.30
C LEU E 56 -2.53 -3.99 -15.77
N ILE E 57 -1.61 -4.06 -14.81
CA ILE E 57 -0.14 -4.15 -15.03
C ILE E 57 0.31 -5.56 -14.60
N GLY E 58 0.99 -6.29 -15.48
CA GLY E 58 1.62 -7.58 -15.13
C GLY E 58 0.60 -8.71 -15.01
N ARG E 59 1.00 -9.79 -14.35
CA ARG E 59 0.19 -11.03 -14.21
C ARG E 59 -0.24 -11.17 -12.76
N PRO E 60 -1.30 -11.95 -12.46
CA PRO E 60 -1.71 -12.19 -11.08
C PRO E 60 -0.62 -12.91 -10.26
N SER E 61 -0.57 -12.59 -8.98
CA SER E 61 0.38 -13.16 -7.99
C SER E 61 -0.36 -13.40 -6.69
N THR E 62 -0.03 -14.49 -6.00
CA THR E 62 -0.55 -14.81 -4.64
C THR E 62 0.40 -14.30 -3.57
N GLU E 63 1.57 -13.76 -3.93
CA GLU E 63 2.63 -13.34 -2.97
C GLU E 63 2.05 -12.33 -1.97
N HIS E 64 2.03 -12.69 -0.68
CA HIS E 64 1.52 -11.83 0.43
C HIS E 64 0.09 -11.33 0.16
N SER E 65 -0.76 -12.12 -0.51
CA SER E 65 -2.16 -11.74 -0.78
C SER E 65 -2.88 -11.43 0.55
N TRP E 66 -3.56 -10.31 0.62
CA TRP E 66 -4.32 -9.90 1.83
C TRP E 66 -5.62 -10.72 1.96
N PHE E 67 -6.04 -11.35 0.88
CA PHE E 67 -7.34 -12.05 0.77
C PHE E 67 -7.05 -13.49 0.36
N PRO E 68 -6.83 -14.37 1.36
CA PRO E 68 -6.37 -15.72 1.07
C PRO E 68 -7.32 -16.40 0.07
N GLY E 69 -6.74 -17.05 -0.94
CA GLY E 69 -7.46 -17.72 -2.04
C GLY E 69 -7.59 -16.82 -3.25
N TYR E 70 -7.22 -15.55 -3.13
CA TYR E 70 -7.20 -14.60 -4.27
C TYR E 70 -5.76 -14.22 -4.62
N ALA E 71 -5.51 -14.03 -5.91
CA ALA E 71 -4.28 -13.45 -6.50
C ALA E 71 -4.56 -11.99 -6.80
N TRP E 72 -3.52 -11.16 -6.77
CA TRP E 72 -3.64 -9.71 -7.06
C TRP E 72 -2.96 -9.36 -8.37
N THR E 73 -3.48 -8.35 -9.04
CA THR E 73 -2.90 -7.74 -10.26
C THR E 73 -2.94 -6.22 -10.06
N VAL E 74 -1.81 -5.54 -10.21
CA VAL E 74 -1.75 -4.07 -10.01
C VAL E 74 -2.75 -3.39 -10.95
N ALA E 75 -3.50 -2.41 -10.42
CA ALA E 75 -4.48 -1.60 -11.18
C ALA E 75 -4.11 -0.13 -11.06
N GLN E 76 -3.88 0.52 -12.19
CA GLN E 76 -3.53 1.95 -12.24
CA GLN E 76 -3.55 1.96 -12.21
C GLN E 76 -4.64 2.72 -12.97
N CYS E 77 -4.82 3.97 -12.59
CA CYS E 77 -5.70 4.89 -13.32
C CYS E 77 -5.26 4.94 -14.80
N LYS E 78 -6.20 4.79 -15.71
CA LYS E 78 -5.89 4.73 -17.17
C LYS E 78 -5.51 6.14 -17.67
N ILE E 79 -5.88 7.20 -16.95
CA ILE E 79 -5.67 8.61 -17.36
C ILE E 79 -4.29 9.08 -16.85
N CYS E 80 -3.94 8.88 -15.58
CA CYS E 80 -2.73 9.48 -14.98
C CYS E 80 -1.75 8.43 -14.42
N ALA E 81 -2.07 7.14 -14.51
CA ALA E 81 -1.20 6.01 -14.09
C ALA E 81 -1.05 5.94 -12.56
N SER E 82 -1.80 6.71 -11.77
CA SER E 82 -1.81 6.57 -10.30
C SER E 82 -2.15 5.12 -9.92
N HIS E 83 -1.35 4.53 -9.03
N HIS E 83 -1.38 4.54 -9.00
CA HIS E 83 -1.60 3.14 -8.54
CA HIS E 83 -1.58 3.14 -8.51
C HIS E 83 -2.78 3.23 -7.57
C HIS E 83 -2.75 3.11 -7.52
N ILE E 84 -3.95 2.76 -7.96
CA ILE E 84 -5.18 2.93 -7.13
C ILE E 84 -5.35 1.69 -6.25
N GLY E 85 -5.00 0.52 -6.78
CA GLY E 85 -5.11 -0.73 -6.02
C GLY E 85 -4.82 -1.93 -6.88
N TRP E 86 -5.67 -2.94 -6.73
CA TRP E 86 -5.44 -4.27 -7.33
C TRP E 86 -6.76 -4.88 -7.76
N LYS E 87 -6.72 -5.63 -8.85
CA LYS E 87 -7.76 -6.64 -9.17
C LYS E 87 -7.41 -7.92 -8.39
N PHE E 88 -8.35 -8.44 -7.64
CA PHE E 88 -8.24 -9.75 -6.94
C PHE E 88 -9.03 -10.80 -7.72
N THR E 89 -8.37 -11.92 -8.04
CA THR E 89 -8.93 -13.03 -8.86
C THR E 89 -8.86 -14.33 -8.06
N ALA E 90 -9.98 -15.03 -7.94
CA ALA E 90 -10.11 -16.28 -7.14
C ALA E 90 -9.20 -17.36 -7.76
N THR E 91 -8.53 -18.15 -6.93
CA THR E 91 -7.66 -19.28 -7.37
C THR E 91 -8.46 -20.59 -7.40
N LYS E 92 -9.70 -20.59 -6.87
CA LYS E 92 -10.60 -21.79 -6.85
C LYS E 92 -12.00 -21.40 -7.33
N LYS E 93 -12.65 -22.30 -8.07
CA LYS E 93 -13.94 -22.00 -8.74
C LYS E 93 -15.07 -21.89 -7.70
N ASP E 94 -14.94 -22.44 -6.49
CA ASP E 94 -16.07 -22.50 -5.54
C ASP E 94 -16.22 -21.19 -4.75
N MET E 95 -15.34 -20.22 -4.96
CA MET E 95 -15.29 -18.96 -4.17
C MET E 95 -16.19 -17.90 -4.79
N SER E 96 -16.68 -16.98 -3.97
CA SER E 96 -17.56 -15.88 -4.43
C SER E 96 -17.16 -14.62 -3.68
N PRO E 97 -16.97 -13.47 -4.38
CA PRO E 97 -16.98 -13.40 -5.84
C PRO E 97 -15.72 -14.02 -6.47
N GLN E 98 -15.75 -14.28 -7.77
CA GLN E 98 -14.58 -14.84 -8.50
C GLN E 98 -13.55 -13.74 -8.73
N LYS E 99 -13.98 -12.48 -8.72
CA LYS E 99 -13.04 -11.33 -8.80
C LYS E 99 -13.65 -10.14 -8.07
N PHE E 100 -12.79 -9.25 -7.61
CA PHE E 100 -13.21 -7.96 -7.06
C PHE E 100 -12.02 -7.02 -7.17
N TRP E 101 -12.23 -5.78 -6.75
CA TRP E 101 -11.16 -4.76 -6.70
C TRP E 101 -10.88 -4.39 -5.26
N GLY E 102 -9.59 -4.35 -4.91
CA GLY E 102 -9.18 -3.78 -3.62
C GLY E 102 -8.48 -2.47 -3.91
N LEU E 103 -9.08 -1.38 -3.46
CA LEU E 103 -8.63 -0.01 -3.81
C LEU E 103 -8.15 0.70 -2.55
N THR E 104 -6.97 1.31 -2.64
CA THR E 104 -6.42 2.12 -1.54
C THR E 104 -7.33 3.33 -1.34
N ARG E 105 -7.96 3.45 -0.18
CA ARG E 105 -8.99 4.50 0.09
C ARG E 105 -8.37 5.90 -0.08
N SER E 106 -7.12 6.08 0.31
CA SER E 106 -6.41 7.38 0.24
C SER E 106 -6.14 7.79 -1.21
N ALA E 107 -6.21 6.85 -2.18
CA ALA E 107 -5.97 7.12 -3.61
C ALA E 107 -7.28 7.59 -4.27
N LEU E 108 -8.36 7.71 -3.51
CA LEU E 108 -9.70 8.07 -4.04
C LEU E 108 -10.22 9.34 -3.37
N LEU E 109 -11.06 10.04 -4.11
CA LEU E 109 -11.75 11.29 -3.73
C LEU E 109 -13.25 11.00 -3.82
N PRO E 110 -13.99 11.18 -2.72
CA PRO E 110 -15.45 11.13 -2.77
C PRO E 110 -16.00 12.32 -3.58
N THR E 111 -16.98 12.10 -4.46
CA THR E 111 -17.50 13.13 -5.42
C THR E 111 -19.03 13.08 -5.45
N SER F 3 -38.15 6.22 -3.64
CA SER F 3 -37.09 6.56 -4.67
C SER F 3 -37.22 5.61 -5.87
N PRO F 4 -37.45 6.14 -7.10
CA PRO F 4 -37.58 5.30 -8.29
C PRO F 4 -36.20 4.78 -8.77
N THR F 5 -35.70 3.77 -8.04
CA THR F 5 -34.37 3.11 -8.26
C THR F 5 -34.43 2.14 -9.44
N SER F 6 -35.58 1.50 -9.72
CA SER F 6 -35.77 0.61 -10.89
C SER F 6 -35.81 1.44 -12.19
N LEU F 7 -35.06 1.02 -13.21
CA LEU F 7 -35.13 1.62 -14.56
C LEU F 7 -35.76 0.55 -15.48
N CYS F 8 -37.01 0.79 -15.85
CA CYS F 8 -37.81 -0.20 -16.61
C CYS F 8 -37.91 0.20 -18.08
N CYS F 9 -38.13 -0.79 -18.93
CA CYS F 9 -38.48 -0.56 -20.34
C CYS F 9 -39.71 0.37 -20.41
N LYS F 10 -39.56 1.52 -21.07
N LYS F 10 -39.58 1.51 -21.09
CA LYS F 10 -40.64 2.52 -21.17
CA LYS F 10 -40.65 2.54 -21.20
C LYS F 10 -41.84 1.95 -21.93
C LYS F 10 -41.85 1.95 -21.94
N GLN F 11 -41.59 1.07 -22.91
CA GLN F 11 -42.67 0.51 -23.78
C GLN F 11 -43.56 -0.43 -22.97
N CYS F 12 -43.02 -1.54 -22.45
CA CYS F 12 -43.85 -2.54 -21.73
C CYS F 12 -43.99 -2.17 -20.24
N GLN F 13 -43.23 -1.18 -19.74
CA GLN F 13 -43.43 -0.52 -18.43
C GLN F 13 -43.06 -1.42 -17.24
N GLU F 14 -43.31 -2.72 -17.29
CA GLU F 14 -43.26 -3.61 -16.11
C GLU F 14 -41.88 -4.27 -16.01
N THR F 15 -41.12 -4.30 -17.11
CA THR F 15 -39.86 -5.07 -17.25
C THR F 15 -38.69 -4.21 -16.78
N GLU F 16 -38.04 -4.63 -15.71
CA GLU F 16 -36.85 -3.92 -15.20
C GLU F 16 -35.68 -4.26 -16.14
N ILE F 17 -34.91 -3.25 -16.53
CA ILE F 17 -33.69 -3.49 -17.33
C ILE F 17 -32.44 -3.26 -16.47
N THR F 18 -32.43 -2.22 -15.65
CA THR F 18 -31.32 -1.96 -14.71
C THR F 18 -31.81 -1.20 -13.49
N THR F 19 -30.89 -0.84 -12.60
CA THR F 19 -31.20 0.07 -11.47
C THR F 19 -30.20 1.22 -11.45
N LYS F 20 -30.59 2.29 -10.76
CA LYS F 20 -29.72 3.47 -10.58
C LYS F 20 -28.44 3.03 -9.85
N ASN F 21 -28.49 1.94 -9.08
CA ASN F 21 -27.35 1.40 -8.30
C ASN F 21 -26.22 0.95 -9.23
N GLU F 22 -26.51 0.65 -10.49
CA GLU F 22 -25.54 0.05 -11.42
C GLU F 22 -24.88 1.12 -12.32
N ILE F 23 -25.28 2.38 -12.20
CA ILE F 23 -24.77 3.48 -13.08
C ILE F 23 -23.30 3.75 -12.73
N PHE F 24 -22.48 3.95 -13.75
CA PHE F 24 -21.10 4.43 -13.58
C PHE F 24 -20.78 5.40 -14.70
N SER F 25 -19.65 6.09 -14.56
CA SER F 25 -19.18 7.15 -15.49
C SER F 25 -17.82 6.77 -16.07
N LEU F 26 -17.80 6.35 -17.33
CA LEU F 26 -16.60 6.00 -18.09
C LEU F 26 -15.99 7.32 -18.59
N SER F 27 -14.68 7.51 -18.53
CA SER F 27 -14.05 8.84 -18.80
C SER F 27 -13.68 8.97 -20.30
N VAL F 42 -21.31 11.65 -24.70
CA VAL F 42 -22.28 10.55 -25.00
C VAL F 42 -23.35 10.51 -23.88
N HIS F 43 -23.90 11.66 -23.46
CA HIS F 43 -24.81 11.80 -22.30
C HIS F 43 -26.16 11.12 -22.51
N GLU F 44 -26.67 11.02 -23.73
CA GLU F 44 -27.96 10.33 -24.04
C GLU F 44 -27.90 8.83 -23.74
N THR F 45 -26.68 8.33 -23.53
CA THR F 45 -26.40 6.90 -23.26
C THR F 45 -25.96 6.73 -21.79
N LEU F 46 -26.76 5.99 -21.03
CA LEU F 46 -26.47 5.61 -19.64
C LEU F 46 -25.55 4.40 -19.68
N THR F 47 -24.50 4.37 -18.89
CA THR F 47 -23.62 3.20 -18.80
C THR F 47 -23.85 2.57 -17.42
N VAL F 48 -24.19 1.27 -17.43
CA VAL F 48 -24.40 0.49 -16.19
C VAL F 48 -23.56 -0.80 -16.22
N TYR F 49 -23.10 -1.24 -15.05
CA TYR F 49 -22.30 -2.46 -14.98
C TYR F 49 -23.12 -3.71 -15.26
N LYS F 50 -24.39 -3.70 -14.84
N LYS F 50 -24.40 -3.68 -14.89
CA LYS F 50 -25.27 -4.88 -14.88
CA LYS F 50 -25.29 -4.86 -14.90
C LYS F 50 -26.65 -4.47 -15.39
C LYS F 50 -26.65 -4.44 -15.45
N ALA F 51 -27.31 -5.41 -16.06
CA ALA F 51 -28.66 -5.27 -16.59
C ALA F 51 -29.28 -6.66 -16.70
N CYS F 52 -30.59 -6.68 -16.87
CA CYS F 52 -31.34 -7.93 -16.98
C CYS F 52 -32.48 -7.78 -17.98
N ASN F 53 -33.07 -8.91 -18.35
CA ASN F 53 -34.29 -8.93 -19.20
C ASN F 53 -33.99 -8.31 -20.59
N LEU F 54 -32.76 -8.47 -21.07
CA LEU F 54 -32.33 -8.07 -22.43
C LEU F 54 -31.90 -9.31 -23.21
N ASN F 55 -32.29 -9.32 -24.49
CA ASN F 55 -31.82 -10.32 -25.49
C ASN F 55 -30.80 -9.63 -26.38
N LEU F 56 -29.70 -10.30 -26.63
CA LEU F 56 -28.65 -9.84 -27.55
C LEU F 56 -29.00 -10.30 -28.97
N ILE F 57 -28.88 -9.37 -29.91
CA ILE F 57 -29.12 -9.62 -31.36
C ILE F 57 -27.76 -9.58 -32.07
N GLY F 58 -27.39 -10.67 -32.73
CA GLY F 58 -26.23 -10.72 -33.62
C GLY F 58 -24.92 -10.79 -32.86
N ARG F 59 -23.82 -10.41 -33.51
CA ARG F 59 -22.43 -10.63 -33.01
C ARG F 59 -21.84 -9.26 -32.70
N PRO F 60 -20.83 -9.16 -31.80
CA PRO F 60 -20.21 -7.87 -31.50
C PRO F 60 -19.54 -7.23 -32.72
N SER F 61 -19.54 -5.90 -32.75
CA SER F 61 -18.90 -5.08 -33.81
C SER F 61 -18.19 -3.89 -33.18
N THR F 62 -17.05 -3.51 -33.72
CA THR F 62 -16.30 -2.29 -33.30
C THR F 62 -16.65 -1.10 -34.20
N GLU F 63 -17.46 -1.30 -35.25
CA GLU F 63 -17.79 -0.24 -36.24
C GLU F 63 -18.40 0.98 -35.52
N HIS F 64 -17.74 2.12 -35.62
CA HIS F 64 -18.16 3.42 -35.03
C HIS F 64 -18.42 3.30 -33.52
N SER F 65 -17.71 2.42 -32.81
CA SER F 65 -17.91 2.24 -31.35
C SER F 65 -17.70 3.58 -30.64
N TRP F 66 -18.63 3.93 -29.75
CA TRP F 66 -18.56 5.19 -28.97
C TRP F 66 -17.51 5.07 -27.87
N PHE F 67 -17.09 3.86 -27.54
CA PHE F 67 -16.17 3.55 -26.42
C PHE F 67 -14.99 2.78 -26.99
N PRO F 68 -13.95 3.50 -27.46
CA PRO F 68 -12.80 2.84 -28.06
C PRO F 68 -12.24 1.77 -27.12
N GLY F 69 -11.94 0.61 -27.70
CA GLY F 69 -11.51 -0.60 -27.01
C GLY F 69 -12.66 -1.54 -26.76
N TYR F 70 -13.89 -1.13 -27.03
CA TYR F 70 -15.09 -1.98 -26.83
C TYR F 70 -15.80 -2.21 -28.16
N ALA F 71 -16.39 -3.40 -28.30
CA ALA F 71 -17.35 -3.77 -29.35
C ALA F 71 -18.77 -3.67 -28.80
N TRP F 72 -19.75 -3.44 -29.66
CA TRP F 72 -21.16 -3.34 -29.25
C TRP F 72 -21.96 -4.53 -29.80
N THR F 73 -23.00 -4.93 -29.07
CA THR F 73 -24.02 -5.91 -29.49
C THR F 73 -25.40 -5.33 -29.18
N VAL F 74 -26.29 -5.28 -30.16
CA VAL F 74 -27.65 -4.70 -29.93
C VAL F 74 -28.35 -5.46 -28.80
N ALA F 75 -29.00 -4.73 -27.89
CA ALA F 75 -29.76 -5.27 -26.75
C ALA F 75 -31.20 -4.81 -26.80
N GLN F 76 -32.14 -5.75 -26.81
CA GLN F 76 -33.58 -5.44 -26.91
C GLN F 76 -34.29 -6.03 -25.69
N CYS F 77 -35.36 -5.37 -25.25
CA CYS F 77 -36.20 -5.87 -24.16
C CYS F 77 -36.70 -7.27 -24.52
N LYS F 78 -36.55 -8.23 -23.61
CA LYS F 78 -36.94 -9.64 -23.86
C LYS F 78 -38.46 -9.77 -23.94
N ILE F 79 -39.23 -8.81 -23.39
CA ILE F 79 -40.72 -8.88 -23.38
C ILE F 79 -41.29 -8.26 -24.66
N CYS F 80 -40.86 -7.05 -25.04
CA CYS F 80 -41.55 -6.28 -26.11
C CYS F 80 -40.64 -6.02 -27.32
N ALA F 81 -39.37 -6.44 -27.24
CA ALA F 81 -38.37 -6.35 -28.33
C ALA F 81 -37.97 -4.89 -28.61
N SER F 82 -38.36 -3.93 -27.78
CA SER F 82 -37.88 -2.52 -27.89
C SER F 82 -36.34 -2.51 -27.79
N HIS F 83 -35.68 -1.82 -28.70
CA HIS F 83 -34.22 -1.60 -28.67
C HIS F 83 -33.87 -0.67 -27.51
N ILE F 84 -33.23 -1.20 -26.47
CA ILE F 84 -32.94 -0.38 -25.26
C ILE F 84 -31.54 0.22 -25.40
N GLY F 85 -30.59 -0.54 -25.97
CA GLY F 85 -29.21 -0.10 -26.13
C GLY F 85 -28.29 -1.19 -26.62
N TRP F 86 -27.14 -1.34 -25.97
CA TRP F 86 -26.05 -2.23 -26.44
C TRP F 86 -25.29 -2.81 -25.25
N LYS F 87 -24.82 -4.03 -25.43
CA LYS F 87 -23.78 -4.64 -24.58
C LYS F 87 -22.44 -4.21 -25.16
N PHE F 88 -21.57 -3.64 -24.34
CA PHE F 88 -20.17 -3.31 -24.73
C PHE F 88 -19.24 -4.35 -24.14
N THR F 89 -18.40 -4.93 -25.00
CA THR F 89 -17.45 -6.01 -24.65
C THR F 89 -16.02 -5.58 -24.99
N ALA F 90 -15.10 -5.70 -24.04
CA ALA F 90 -13.68 -5.28 -24.19
C ALA F 90 -13.02 -6.11 -25.30
N THR F 91 -12.17 -5.46 -26.11
CA THR F 91 -11.34 -6.12 -27.16
C THR F 91 -9.97 -6.51 -26.59
N LYS F 92 -9.64 -6.12 -25.37
CA LYS F 92 -8.32 -6.34 -24.71
C LYS F 92 -8.53 -6.75 -23.25
N LYS F 93 -7.71 -7.66 -22.74
CA LYS F 93 -7.83 -8.24 -21.38
C LYS F 93 -7.51 -7.19 -20.31
N ASP F 94 -6.71 -6.15 -20.63
CA ASP F 94 -6.18 -5.26 -19.55
C ASP F 94 -7.19 -4.15 -19.20
N MET F 95 -8.34 -4.11 -19.89
CA MET F 95 -9.33 -3.01 -19.74
C MET F 95 -10.33 -3.35 -18.62
N SER F 96 -10.91 -2.33 -18.00
CA SER F 96 -11.90 -2.49 -16.92
C SER F 96 -13.01 -1.48 -17.11
N PRO F 97 -14.29 -1.88 -17.07
CA PRO F 97 -14.71 -3.28 -16.99
C PRO F 97 -14.53 -4.03 -18.31
N GLN F 98 -14.58 -5.35 -18.26
N GLN F 98 -14.55 -5.36 -18.25
CA GLN F 98 -14.49 -6.20 -19.48
CA GLN F 98 -14.48 -6.27 -19.42
C GLN F 98 -15.81 -6.11 -20.26
C GLN F 98 -15.79 -6.15 -20.23
N LYS F 99 -16.91 -5.78 -19.59
CA LYS F 99 -18.20 -5.57 -20.25
C LYS F 99 -19.01 -4.54 -19.45
N PHE F 100 -19.95 -3.90 -20.14
CA PHE F 100 -20.94 -3.03 -19.50
C PHE F 100 -22.10 -2.89 -20.48
N TRP F 101 -23.12 -2.16 -20.07
CA TRP F 101 -24.26 -1.85 -20.96
C TRP F 101 -24.34 -0.36 -21.21
N GLY F 102 -24.54 0.01 -22.47
CA GLY F 102 -24.89 1.37 -22.83
C GLY F 102 -26.35 1.42 -23.20
N LEU F 103 -27.17 2.12 -22.44
CA LEU F 103 -28.64 2.14 -22.61
C LEU F 103 -29.14 3.54 -22.96
N THR F 104 -30.00 3.62 -23.97
CA THR F 104 -30.65 4.88 -24.37
C THR F 104 -31.57 5.37 -23.26
N ARG F 105 -31.29 6.53 -22.69
CA ARG F 105 -32.01 7.05 -21.48
C ARG F 105 -33.51 7.16 -21.75
N SER F 106 -33.88 7.62 -22.93
CA SER F 106 -35.30 7.83 -23.35
C SER F 106 -36.06 6.49 -23.44
N ALA F 107 -35.38 5.35 -23.57
CA ALA F 107 -36.00 4.01 -23.67
C ALA F 107 -36.34 3.47 -22.28
N LEU F 108 -36.02 4.22 -21.23
CA LEU F 108 -36.22 3.78 -19.83
C LEU F 108 -37.15 4.71 -19.07
N LEU F 109 -37.83 4.12 -18.10
CA LEU F 109 -38.73 4.81 -17.15
C LEU F 109 -38.24 4.53 -15.74
N PRO F 110 -37.97 5.50 -14.86
CA PRO F 110 -38.04 6.93 -15.17
C PRO F 110 -36.90 7.35 -16.10
N THR F 111 -37.14 8.41 -16.86
CA THR F 111 -36.11 9.09 -17.69
C THR F 111 -35.14 9.85 -16.76
N ILE F 112 -33.94 9.30 -16.55
CA ILE F 112 -32.87 9.67 -15.56
C ILE F 112 -32.64 8.46 -14.63
ZN ZN G . 37.58 18.86 19.64
N1 A1A0J H . 21.46 27.03 27.38
N3 A1A0J H . 17.53 24.58 23.86
C4 A1A0J H . 18.35 25.33 27.73
C5 A1A0J H . 17.98 25.63 29.04
C6 A1A0J H . 18.78 26.40 29.85
C7 A1A0J H . 21.38 26.46 26.12
C8 A1A0J H . 19.73 25.09 24.84
C10 A1A0J H . 17.92 23.35 23.39
C13 A1A0J H . 22.61 27.76 27.87
C1 A1A0J H . 20.00 26.91 29.42
C2 A1A0J H . 20.36 26.64 28.12
C3 A1A0J H . 19.55 25.87 27.28
N2 A1A0J H . 20.18 25.79 26.05
O1 A1A0J H . 22.18 26.61 25.18
C9 A1A0J H . 18.30 25.49 24.54
C11 A1A0J H . 19.31 22.92 23.70
C12 A1A0J H . 19.90 23.58 24.96
O2 A1A0J H . 17.83 26.55 24.89
O3 A1A0J H . 17.13 22.67 22.77
S SO4 I . 23.89 6.83 18.99
O1 SO4 I . 23.61 7.14 17.57
O2 SO4 I . 24.05 5.42 19.08
O3 SO4 I . 25.09 7.54 19.46
O4 SO4 I . 22.76 7.19 19.84
S SO4 J . 16.49 25.93 15.71
O1 SO4 J . 16.52 25.30 17.02
O2 SO4 J . 16.28 24.94 14.70
O3 SO4 J . 15.39 26.88 15.66
O4 SO4 J . 17.75 26.60 15.49
C1 EDO K . 23.16 23.64 27.88
O1 EDO K . 23.64 23.91 26.59
C2 EDO K . 24.16 24.06 28.90
O2 EDO K . 23.85 23.59 30.19
ZN ZN L . 27.88 -12.71 0.54
N1 A1A0J M . 40.84 -12.11 15.34
N3 A1A0J M . 39.93 -6.59 16.97
C4 A1A0J M . 40.29 -10.48 18.45
C5 A1A0J M . 40.68 -11.44 19.38
C6 A1A0J M . 41.12 -12.70 18.98
C7 A1A0J M . 40.39 -10.90 14.85
C8 A1A0J M . 39.63 -8.72 15.79
C10 A1A0J M . 38.64 -6.17 16.76
C13 A1A0J M . 41.25 -13.25 14.53
C1 A1A0J M . 41.23 -13.04 17.64
C2 A1A0J M . 40.86 -12.08 16.72
C3 A1A0J M . 40.40 -10.82 17.10
N2 A1A0J M . 40.10 -10.10 15.94
O1 A1A0J M . 40.28 -10.56 13.67
C9 A1A0J M . 40.49 -7.80 16.60
C11 A1A0J M . 37.75 -7.10 16.01
C12 A1A0J M . 38.15 -8.56 16.12
O2 A1A0J M . 41.66 -8.05 16.83
O3 A1A0J M . 38.27 -5.10 17.21
S SO4 N . 21.27 -1.45 13.53
O1 SO4 N . 21.85 -1.75 14.81
O2 SO4 N . 21.44 -2.58 12.66
O3 SO4 N . 19.93 -1.10 13.71
O4 SO4 N . 21.91 -0.26 12.95
S SO4 O . 45.33 -5.32 23.51
O1 SO4 O . 45.82 -6.51 24.15
O2 SO4 O . 44.85 -5.66 22.19
O3 SO4 O . 44.23 -4.78 24.28
O4 SO4 O . 46.37 -4.33 23.41
S SO4 P . 21.88 1.82 -2.90
O1 SO4 P . 21.50 2.07 -1.54
O2 SO4 P . 21.46 0.49 -3.26
O3 SO4 P . 21.24 2.77 -3.76
O4 SO4 P . 23.32 1.92 -3.02
C1 EDO Q . 37.44 -13.26 15.59
O1 EDO Q . 36.77 -12.35 14.74
C2 EDO Q . 37.41 -14.60 14.97
O2 EDO Q . 36.63 -15.53 15.71
ZN ZN R . 2.75 15.81 4.45
N1 A1A0J S . -2.17 -3.50 3.95
N3 A1A0J S . 3.24 -5.65 4.01
C4 A1A0J S . -0.45 -6.06 5.72
C5 A1A0J S . -1.47 -6.79 6.32
C6 A1A0J S . -2.80 -6.46 6.12
C7 A1A0J S . -0.89 -3.13 3.64
C8 A1A0J S . 1.43 -3.98 4.09
C10 A1A0J S . 4.14 -4.83 4.67
C13 A1A0J S . -3.36 -2.78 3.48
C1 A1A0J S . -3.16 -5.36 5.34
C2 A1A0J S . -2.15 -4.62 4.78
C3 A1A0J S . -0.81 -4.96 4.95
N2 A1A0J S . -0.03 -4.04 4.26
O1 A1A0J S . -0.55 -2.17 2.95
C9 A1A0J S . 1.95 -5.34 3.67
C11 A1A0J S . 3.63 -3.50 5.10
C12 A1A0J S . 2.13 -3.48 5.34
O2 A1A0J S . 1.27 -6.13 3.06
O3 A1A0J S . 5.28 -5.21 4.84
S SO4 T . 20.18 4.05 15.11
O1 SO4 T . 19.74 3.43 16.33
O2 SO4 T . 21.36 3.37 14.65
O3 SO4 T . 19.15 3.97 14.10
O4 SO4 T . 20.51 5.43 15.36
S SO4 U . 14.54 5.95 14.68
O1 SO4 U . 15.26 6.68 15.67
O2 SO4 U . 14.03 4.71 15.17
O3 SO4 U . 13.38 6.74 14.21
O4 SO4 U . 15.51 5.76 13.62
S SO4 V . 2.21 -14.25 3.71
O1 SO4 V . 1.40 -14.56 4.88
O2 SO4 V . 1.77 -15.09 2.61
O3 SO4 V . 2.02 -12.86 3.34
O4 SO4 V . 3.61 -14.48 3.99
ZN ZN W . -23.18 -17.71 8.25
N1 A1A0J X . -34.42 -28.72 -3.90
N3 A1A0J X . -35.11 -24.79 -8.12
C4 A1A0J X . -34.25 -28.65 -7.47
C5 A1A0J X . -34.30 -29.99 -7.82
C6 A1A0J X . -34.36 -30.99 -6.86
C7 A1A0J X . -34.38 -27.36 -4.10
C8 A1A0J X . -34.28 -25.76 -6.01
C10 A1A0J X . -34.08 -23.89 -8.22
C13 A1A0J X . -34.54 -29.37 -2.60
C1 A1A0J X . -34.37 -30.70 -5.50
C2 A1A0J X . -34.39 -29.37 -5.16
C3 A1A0J X . -34.31 -28.36 -6.12
N2 A1A0J X . -34.32 -27.13 -5.45
O1 A1A0J X . -34.45 -26.50 -3.22
C9 A1A0J X . -35.33 -25.67 -7.09
C11 A1A0J X . -33.03 -23.96 -7.14
C12 A1A0J X . -32.91 -25.32 -6.50
O2 A1A0J X . -36.34 -26.34 -7.06
O3 A1A0J X . -34.00 -23.13 -9.16
S SO4 Y . -18.99 -14.12 -9.37
O1 SO4 Y . -19.04 -14.65 -8.02
O2 SO4 Y . -19.46 -15.14 -10.31
O3 SO4 Y . -19.79 -12.90 -9.52
O4 SO4 Y . -17.64 -13.80 -9.72
S SO4 Z . -23.58 -10.41 -17.71
O1 SO4 Z . -23.13 -9.45 -16.69
O2 SO4 Z . -23.64 -11.63 -16.99
O3 SO4 Z . -24.86 -10.05 -18.29
O4 SO4 Z . -22.61 -10.57 -18.78
C1 EDO AA . -30.52 -29.15 -3.18
O1 EDO AA . -30.44 -30.16 -4.20
C2 EDO AA . -30.91 -27.82 -3.75
O2 EDO AA . -31.10 -26.75 -2.79
C1 EDO BA . -21.28 -2.20 4.40
O1 EDO BA . -20.23 -1.27 4.34
C2 EDO BA . -21.62 -2.76 3.07
O2 EDO BA . -20.58 -3.57 2.61
C1 EDO CA . -21.21 -5.43 7.61
O1 EDO CA . -22.18 -6.32 8.11
C2 EDO CA . -20.14 -6.12 6.87
O2 EDO CA . -19.66 -7.33 7.47
ZN ZN DA . -6.01 9.36 -12.34
N1 A1A0J EA . 3.67 -4.60 -2.30
N3 A1A0J EA . -0.95 -7.80 -0.86
C4 A1A0J EA . 2.78 -8.04 -2.41
C5 A1A0J EA . 4.01 -8.67 -2.60
C6 A1A0J EA . 5.20 -7.94 -2.70
C7 A1A0J EA . 2.29 -4.46 -2.15
C8 A1A0J EA . 0.33 -6.00 -1.95
C10 A1A0J EA . -1.94 -7.79 -1.82
C13 A1A0J EA . 4.63 -3.50 -2.35
C1 A1A0J EA . 5.21 -6.56 -2.59
C2 A1A0J EA . 3.99 -5.94 -2.43
C3 A1A0J EA . 2.79 -6.66 -2.33
N2 A1A0J EA . 1.75 -5.74 -2.16
O1 A1A0J EA . 1.66 -3.39 -2.01
C9 A1A0J EA . 0.19 -7.04 -0.86
C11 A1A0J EA . -1.84 -6.76 -2.89
C12 A1A0J EA . -0.40 -6.39 -3.22
O2 A1A0J EA . 1.06 -7.18 0.00
O3 A1A0J EA . -2.85 -8.60 -1.77
S SO4 FA . -19.24 -9.93 -13.58
O1 SO4 FA . -20.28 -10.52 -12.78
O2 SO4 FA . -18.61 -10.91 -14.38
O3 SO4 FA . -19.81 -8.93 -14.47
O4 SO4 FA . -18.26 -9.31 -12.76
C1 EDO GA . 3.68 -3.54 -6.58
O1 EDO GA . 4.50 -4.29 -7.46
C2 EDO GA . 2.55 -4.36 -6.03
O2 EDO GA . 1.46 -3.55 -5.60
C1 EDO HA . -3.00 -1.20 7.82
O1 EDO HA . -1.93 -1.34 6.91
C2 EDO HA . -3.60 -2.50 8.15
O2 EDO HA . -4.94 -2.40 8.59
C1 EDO IA . -0.37 -0.93 0.45
O1 EDO IA . -1.56 -0.41 1.24
C2 EDO IA . 0.35 -0.08 -0.60
O2 EDO IA . 1.52 -0.65 -1.35
C1 EDO JA . -1.40 2.49 1.65
O1 EDO JA . -0.36 3.25 1.04
C2 EDO JA . -2.22 3.17 2.70
O2 EDO JA . -2.87 4.40 2.38
C1 EDO KA . -23.01 8.02 -10.02
O1 EDO KA . -23.53 6.78 -9.53
C2 EDO KA . -21.61 7.86 -10.45
O2 EDO KA . -21.47 7.71 -11.85
C1 EDO LA . -12.13 -5.39 3.92
O1 EDO LA . -11.20 -4.30 3.73
C2 EDO LA . -13.45 -5.05 3.35
O2 EDO LA . -14.02 -6.06 2.55
ZN ZN MA . -40.14 -3.88 -22.96
N1 A1A0J NA . -26.22 2.58 -35.63
N3 A1A0J NA . -21.83 3.04 -31.90
C4 A1A0J NA . -22.79 1.68 -35.50
C5 A1A0J NA . -22.49 1.38 -36.82
C6 A1A0J NA . -23.43 1.50 -37.82
C7 A1A0J NA . -26.02 2.72 -34.27
C8 A1A0J NA . -24.11 2.55 -32.65
C10 A1A0J NA . -21.94 2.27 -30.77
C13 A1A0J NA . -27.49 2.82 -36.31
C1 A1A0J NA . -24.75 1.88 -37.54
C2 A1A0J NA . -25.05 2.18 -36.23
C3 A1A0J NA . -24.08 2.08 -35.21
N2 A1A0J NA . -24.70 2.42 -34.02
O1 A1A0J NA . -26.85 3.10 -33.45
C9 A1A0J NA . -22.84 3.34 -32.78
C11 A1A0J NA . -23.18 1.47 -30.62
C12 A1A0J NA . -23.90 1.22 -31.93
O2 A1A0J NA . -22.68 4.19 -33.64
O3 A1A0J NA . -21.00 2.22 -29.98
S SO4 OA . -14.33 -6.77 -14.90
O1 SO4 OA . -13.52 -7.94 -14.52
O2 SO4 OA . -15.19 -7.12 -15.95
O3 SO4 OA . -15.25 -6.40 -13.83
O4 SO4 OA . -13.42 -5.67 -15.20
S SO4 PA . -15.01 6.02 -36.25
O1 SO4 PA . -14.25 5.26 -35.29
O2 SO4 PA . -14.82 5.47 -37.58
O3 SO4 PA . -16.41 5.96 -35.93
O4 SO4 PA . -14.55 7.39 -36.22
C1 EDO QA . -28.00 -0.79 -35.71
O1 EDO QA . -28.85 -1.87 -35.49
C2 EDO QA . -26.92 -0.78 -34.67
O2 EDO QA . -27.43 -0.37 -33.39
#